data_3QYN
#
_entry.id   3QYN
#
_cell.length_a   140.984
_cell.length_b   140.984
_cell.length_c   119.346
_cell.angle_alpha   90.00
_cell.angle_beta   90.00
_cell.angle_gamma   120.00
#
_symmetry.space_group_name_H-M   'P 63'
#
loop_
_entity.id
_entity.type
_entity.pdbx_description
1 polymer 'Tumor protein 63'
2 polymer "5'-D(*AP*AP*AP*CP*AP*TP*GP*TP*TP*TP*TP*AP*AP*AP*AP*CP*AP*TP*GP*TP*TP*T)-3'"
3 non-polymer 'ZINC ION'
4 water water
#
loop_
_entity_poly.entity_id
_entity_poly.type
_entity_poly.pdbx_seq_one_letter_code
_entity_poly.pdbx_strand_id
1 'polypeptide(L)'
;GSHMASPSNTDYPGPHSFDVSFQQSSTAKSATWTYSTELKKLYCQIAKTCPIQIKVMTPPPQGAVIRAMPVYKKAEHVTE
VVKRCPNHELSREFNEGQIAPPSHLIRVEGNSHAQYVEDPITGRQSVLVPYEPPQVGTEFTTVLYNFMCNSSCVGGMNRR
PILIIVTLETRDGQVLGRRCFEARICACPGRDRKADEDSIRKQ
;
A,B,C,D
2 'polydeoxyribonucleotide'
;(DA)(DA)(DA)(DC)(DA)(DT)(DG)(DT)(DT)(DT)(DT)(DA)(DA)(DA)(DA)(DC)(DA)(DT)(DG)(DT)
(DT)(DT)
;
E,F
#
# COMPACT_ATOMS: atom_id res chain seq x y z
N SER A 6 -24.98 -14.13 1.60
CA SER A 6 -25.62 -12.89 2.02
C SER A 6 -27.14 -12.86 1.73
N PRO A 7 -27.91 -12.14 2.58
CA PRO A 7 -29.39 -12.04 2.52
C PRO A 7 -29.89 -11.20 1.35
N SER A 8 -31.08 -11.53 0.86
CA SER A 8 -31.62 -10.83 -0.30
C SER A 8 -31.86 -9.35 -0.01
N ASN A 9 -31.74 -8.54 -1.06
CA ASN A 9 -31.94 -7.10 -0.97
C ASN A 9 -32.78 -6.61 -2.15
N THR A 10 -33.65 -7.49 -2.66
CA THR A 10 -34.47 -7.17 -3.83
C THR A 10 -35.92 -6.85 -3.51
N ASP A 11 -36.44 -5.74 -4.06
CA ASP A 11 -37.82 -5.35 -3.82
C ASP A 11 -38.81 -6.44 -4.21
N TYR A 12 -39.52 -6.95 -3.23
CA TYR A 12 -40.50 -8.00 -3.45
C TYR A 12 -41.70 -7.64 -2.58
N PRO A 13 -42.68 -6.95 -3.20
CA PRO A 13 -43.93 -6.44 -2.63
C PRO A 13 -44.77 -7.55 -2.04
N GLY A 14 -44.84 -8.67 -2.75
CA GLY A 14 -45.54 -9.85 -2.27
C GLY A 14 -47.05 -9.82 -2.11
N PRO A 15 -47.59 -10.89 -1.54
CA PRO A 15 -49.03 -11.06 -1.34
C PRO A 15 -49.72 -9.92 -0.62
N HIS A 16 -49.01 -9.07 0.09
CA HIS A 16 -49.72 -7.99 0.77
C HIS A 16 -49.33 -6.60 0.28
N SER A 17 -48.84 -6.51 -0.96
CA SER A 17 -48.39 -5.22 -1.49
C SER A 17 -47.73 -4.42 -0.35
N PHE A 18 -46.74 -5.05 0.26
CA PHE A 18 -45.95 -4.51 1.35
C PHE A 18 -45.15 -3.28 0.92
N ASP A 19 -45.28 -2.18 1.67
CA ASP A 19 -44.55 -0.97 1.29
C ASP A 19 -44.00 -0.15 2.47
N VAL A 20 -42.75 0.33 2.30
CA VAL A 20 -42.11 1.19 3.29
C VAL A 20 -41.88 2.55 2.67
N SER A 21 -42.14 3.58 3.44
CA SER A 21 -42.01 4.93 2.93
C SER A 21 -41.81 5.85 4.09
N PHE A 22 -41.48 7.11 3.77
CA PHE A 22 -41.21 8.12 4.79
C PHE A 22 -42.18 9.28 4.75
N GLN A 23 -42.73 9.65 5.90
CA GLN A 23 -43.59 10.83 5.98
C GLN A 23 -42.76 12.04 5.62
N GLN A 24 -43.42 13.20 5.56
CA GLN A 24 -42.72 14.42 5.17
C GLN A 24 -41.35 14.62 5.83
N SER A 25 -40.36 14.95 5.00
CA SER A 25 -38.99 15.17 5.47
C SER A 25 -38.78 16.65 5.71
N SER A 26 -39.38 17.19 6.76
CA SER A 26 -39.28 18.63 7.04
C SER A 26 -37.96 19.23 6.55
N THR A 27 -37.93 19.71 5.31
CA THR A 27 -36.72 20.29 4.72
C THR A 27 -36.19 21.48 5.54
N ALA A 28 -36.74 21.65 6.73
CA ALA A 28 -36.31 22.71 7.66
C ALA A 28 -34.85 22.53 8.07
N LYS A 29 -33.95 22.87 7.14
CA LYS A 29 -32.49 22.84 7.32
C LYS A 29 -31.89 21.90 8.40
N SER A 30 -32.24 22.13 9.67
CA SER A 30 -31.74 21.29 10.79
C SER A 30 -32.66 20.09 11.14
N ALA A 31 -33.29 19.49 10.12
CA ALA A 31 -34.10 18.29 10.31
C ALA A 31 -33.23 17.16 10.87
N THR A 32 -33.80 16.45 11.82
CA THR A 32 -33.09 15.36 12.43
C THR A 32 -32.79 14.20 11.44
N TRP A 33 -33.54 14.14 10.35
CA TRP A 33 -33.36 13.11 9.34
C TRP A 33 -34.15 13.58 8.10
N THR A 34 -33.81 13.09 6.92
CA THR A 34 -34.49 13.50 5.70
C THR A 34 -34.42 12.37 4.69
N TYR A 35 -35.29 12.35 3.69
CA TYR A 35 -35.27 11.23 2.76
C TYR A 35 -35.40 11.62 1.30
N SER A 36 -34.42 11.21 0.50
CA SER A 36 -34.40 11.51 -0.93
C SER A 36 -35.13 10.37 -1.62
N THR A 37 -36.23 10.71 -2.26
CA THR A 37 -37.10 9.70 -2.86
C THR A 37 -36.49 9.02 -4.05
N GLU A 38 -35.88 9.83 -4.91
CA GLU A 38 -35.27 9.37 -6.15
C GLU A 38 -33.84 8.94 -5.96
N LEU A 39 -33.36 8.93 -4.72
CA LEU A 39 -32.02 8.45 -4.46
C LEU A 39 -32.20 7.18 -3.64
N LYS A 40 -33.42 7.03 -3.13
CA LYS A 40 -33.78 5.89 -2.30
C LYS A 40 -32.82 5.88 -1.10
N LYS A 41 -32.57 7.06 -0.54
CA LYS A 41 -31.61 7.20 0.53
C LYS A 41 -32.11 7.99 1.73
N LEU A 42 -31.82 7.45 2.90
CA LEU A 42 -32.18 8.05 4.17
C LEU A 42 -30.95 8.82 4.68
N TYR A 43 -31.15 10.03 5.17
CA TYR A 43 -30.08 10.80 5.78
C TYR A 43 -30.58 11.04 7.21
N CYS A 44 -29.93 10.40 8.17
CA CYS A 44 -30.38 10.45 9.55
C CYS A 44 -29.26 10.70 10.55
N GLN A 45 -29.46 11.59 11.50
CA GLN A 45 -28.45 11.78 12.53
C GLN A 45 -28.44 10.57 13.47
N ILE A 46 -27.31 10.32 14.10
CA ILE A 46 -27.15 9.17 14.97
C ILE A 46 -28.07 9.17 16.16
N ALA A 47 -28.62 8.01 16.45
CA ALA A 47 -29.52 7.86 17.61
C ALA A 47 -30.88 8.59 17.52
N LYS A 48 -30.98 9.68 16.78
CA LYS A 48 -32.25 10.41 16.65
C LYS A 48 -33.36 9.48 16.16
N THR A 49 -34.56 9.60 16.71
CA THR A 49 -35.62 8.70 16.30
C THR A 49 -36.03 9.03 14.88
N CYS A 50 -36.24 7.97 14.11
CA CYS A 50 -36.55 8.07 12.70
C CYS A 50 -37.77 7.18 12.35
N PRO A 51 -38.95 7.79 12.17
CA PRO A 51 -40.22 7.11 11.87
C PRO A 51 -40.28 6.53 10.46
N ILE A 52 -40.68 5.28 10.34
CA ILE A 52 -40.78 4.66 9.03
C ILE A 52 -42.22 4.21 8.75
N GLN A 53 -42.69 4.42 7.54
CA GLN A 53 -44.09 4.06 7.27
C GLN A 53 -44.27 2.70 6.64
N ILE A 54 -45.19 1.94 7.19
CA ILE A 54 -45.52 0.65 6.61
C ILE A 54 -46.98 0.63 6.14
N LYS A 55 -47.18 0.14 4.93
CA LYS A 55 -48.51 0.01 4.36
C LYS A 55 -48.69 -1.36 3.75
N VAL A 56 -49.82 -1.98 3.99
CA VAL A 56 -50.07 -3.26 3.34
C VAL A 56 -51.38 -3.22 2.63
N MET A 57 -51.45 -3.88 1.48
CA MET A 57 -52.68 -3.89 0.73
C MET A 57 -53.73 -4.89 1.30
N THR A 58 -53.29 -5.94 1.97
CA THR A 58 -54.22 -6.89 2.58
C THR A 58 -53.62 -7.34 3.91
N PRO A 59 -54.45 -7.66 4.90
CA PRO A 59 -53.82 -8.01 6.18
C PRO A 59 -52.91 -9.19 6.00
N PRO A 60 -51.77 -9.19 6.68
CA PRO A 60 -50.80 -10.29 6.65
C PRO A 60 -51.13 -11.37 7.69
N PRO A 61 -50.48 -12.55 7.61
CA PRO A 61 -50.64 -13.74 8.44
C PRO A 61 -50.82 -13.53 9.94
N GLN A 62 -50.93 -14.66 10.65
CA GLN A 62 -51.17 -14.68 12.09
C GLN A 62 -50.36 -13.68 12.91
N GLY A 63 -49.12 -14.04 13.23
CA GLY A 63 -48.30 -13.18 14.04
C GLY A 63 -47.12 -12.69 13.26
N ALA A 64 -47.39 -12.22 12.04
CA ALA A 64 -46.35 -11.73 11.16
C ALA A 64 -45.41 -10.70 11.83
N VAL A 65 -44.25 -10.49 11.23
CA VAL A 65 -43.32 -9.55 11.84
C VAL A 65 -42.55 -8.73 10.83
N ILE A 66 -41.98 -7.65 11.34
CA ILE A 66 -41.16 -6.75 10.54
C ILE A 66 -39.70 -6.72 11.03
N ARG A 67 -38.80 -7.20 10.18
CA ARG A 67 -37.41 -7.24 10.52
C ARG A 67 -36.69 -6.12 9.84
N ALA A 68 -35.73 -5.54 10.54
CA ALA A 68 -34.90 -4.51 9.97
C ALA A 68 -33.45 -5.00 10.07
N MET A 69 -32.76 -5.08 8.94
CA MET A 69 -31.38 -5.54 8.95
C MET A 69 -30.51 -4.64 8.08
N PRO A 70 -29.36 -4.21 8.62
CA PRO A 70 -28.44 -3.40 7.82
C PRO A 70 -27.52 -4.32 7.04
N VAL A 71 -26.86 -3.77 6.04
CA VAL A 71 -25.90 -4.49 5.23
C VAL A 71 -25.18 -3.48 4.33
N TYR A 72 -23.92 -3.77 3.97
CA TYR A 72 -23.15 -2.82 3.17
C TYR A 72 -23.65 -2.83 1.73
N LYS A 73 -23.43 -1.71 1.07
CA LYS A 73 -23.88 -1.50 -0.30
C LYS A 73 -22.88 -2.09 -1.27
N LYS A 74 -21.64 -1.61 -1.20
CA LYS A 74 -20.55 -2.06 -2.06
C LYS A 74 -20.34 -3.57 -2.02
N ALA A 75 -20.14 -4.17 -3.19
CA ALA A 75 -19.93 -5.61 -3.33
C ALA A 75 -18.77 -6.15 -2.49
N GLU A 76 -17.68 -5.40 -2.46
CA GLU A 76 -16.50 -5.76 -1.71
C GLU A 76 -16.75 -6.01 -0.22
N HIS A 77 -17.75 -5.34 0.33
CA HIS A 77 -18.00 -5.46 1.77
C HIS A 77 -19.21 -6.28 2.14
N VAL A 78 -20.10 -6.50 1.17
CA VAL A 78 -21.35 -7.21 1.40
C VAL A 78 -21.23 -8.40 2.34
N THR A 79 -20.05 -8.99 2.41
CA THR A 79 -19.83 -10.18 3.23
C THR A 79 -19.81 -9.92 4.72
N GLU A 80 -19.28 -8.75 5.09
CA GLU A 80 -19.07 -8.35 6.48
C GLU A 80 -20.30 -7.83 7.23
N VAL A 81 -20.53 -8.38 8.43
CA VAL A 81 -21.63 -7.95 9.28
C VAL A 81 -21.65 -6.41 9.47
N VAL A 82 -22.71 -5.91 10.09
CA VAL A 82 -22.84 -4.48 10.27
C VAL A 82 -23.27 -4.30 11.70
N LYS A 83 -22.37 -3.70 12.47
CA LYS A 83 -22.62 -3.47 13.87
C LYS A 83 -21.98 -2.15 14.32
N ARG A 84 -22.24 -1.77 15.56
CA ARG A 84 -21.70 -0.52 16.08
C ARG A 84 -20.22 -0.63 16.26
N CYS A 85 -19.48 0.42 15.87
CA CYS A 85 -18.03 0.50 16.10
C CYS A 85 -17.79 0.39 17.60
N PRO A 86 -16.70 -0.27 17.98
CA PRO A 86 -16.28 -0.54 19.38
C PRO A 86 -16.36 0.69 20.28
N ASN A 87 -15.83 1.84 19.82
CA ASN A 87 -15.97 3.09 20.57
C ASN A 87 -17.39 3.28 21.03
N HIS A 88 -18.33 3.17 20.08
CA HIS A 88 -19.75 3.32 20.42
C HIS A 88 -20.31 2.14 21.18
N GLU A 89 -19.83 0.94 20.89
CA GLU A 89 -20.36 -0.22 21.60
C GLU A 89 -20.09 -0.14 23.10
N LEU A 90 -18.99 0.52 23.47
CA LEU A 90 -18.58 0.55 24.86
C LEU A 90 -18.92 1.83 25.60
N SER A 91 -18.66 2.96 24.95
CA SER A 91 -18.97 4.25 25.56
C SER A 91 -20.29 4.24 26.32
N ARG A 92 -20.38 5.10 27.34
CA ARG A 92 -21.55 5.20 28.19
C ARG A 92 -22.79 5.69 27.45
N GLU A 93 -22.61 6.65 26.55
CA GLU A 93 -23.76 7.23 25.85
C GLU A 93 -24.59 6.25 25.04
N PHE A 94 -25.90 6.46 25.10
CA PHE A 94 -26.85 5.66 24.35
C PHE A 94 -27.03 4.29 24.93
N ASN A 95 -26.13 3.89 25.82
CA ASN A 95 -26.25 2.56 26.40
C ASN A 95 -26.94 2.53 27.76
N GLU A 96 -26.82 3.64 28.50
CA GLU A 96 -27.47 3.82 29.81
C GLU A 96 -28.15 2.56 30.36
N GLY A 97 -29.40 2.30 29.98
CA GLY A 97 -30.10 1.12 30.46
C GLY A 97 -31.04 0.57 29.40
N GLN A 98 -30.43 0.26 28.26
CA GLN A 98 -31.12 -0.15 27.06
C GLN A 98 -31.34 -1.64 26.92
N ILE A 99 -32.56 -1.99 26.55
CA ILE A 99 -32.94 -3.39 26.33
C ILE A 99 -32.33 -3.97 25.07
N ALA A 100 -31.34 -3.30 24.47
CA ALA A 100 -30.72 -3.76 23.22
C ALA A 100 -29.25 -4.01 23.36
N PRO A 101 -28.71 -4.92 22.56
CA PRO A 101 -27.30 -5.22 22.70
C PRO A 101 -26.44 -4.14 22.06
N PRO A 102 -25.58 -3.48 22.84
CA PRO A 102 -24.69 -2.38 22.46
C PRO A 102 -23.96 -2.58 21.13
N SER A 103 -24.11 -3.75 20.52
CA SER A 103 -23.46 -4.04 19.24
C SER A 103 -24.34 -3.67 18.02
N HIS A 104 -25.64 -3.92 18.15
CA HIS A 104 -26.63 -3.68 17.08
C HIS A 104 -26.72 -2.24 16.61
N LEU A 105 -26.49 -2.04 15.32
CA LEU A 105 -26.58 -0.70 14.74
C LEU A 105 -28.02 -0.22 14.76
N ILE A 106 -28.98 -1.13 14.60
CA ILE A 106 -30.39 -0.73 14.53
C ILE A 106 -31.23 -1.01 15.77
N ARG A 107 -31.90 0.02 16.27
CA ARG A 107 -32.78 -0.11 17.43
C ARG A 107 -34.17 0.35 17.09
N VAL A 108 -35.18 -0.28 17.69
CA VAL A 108 -36.57 0.16 17.53
C VAL A 108 -36.98 0.85 18.82
N GLU A 109 -37.72 1.93 18.67
CA GLU A 109 -38.16 2.73 19.80
C GLU A 109 -39.68 2.65 19.92
N GLY A 110 -40.15 2.72 21.16
CA GLY A 110 -41.57 2.74 21.43
C GLY A 110 -42.28 1.41 21.26
N ASN A 111 -41.55 0.32 21.43
CA ASN A 111 -42.14 -1.00 21.26
C ASN A 111 -41.49 -2.06 22.13
N SER A 112 -41.99 -2.25 23.35
CA SER A 112 -41.44 -3.26 24.25
C SER A 112 -41.50 -4.68 23.66
N HIS A 113 -42.33 -4.89 22.65
CA HIS A 113 -42.41 -6.20 21.99
C HIS A 113 -41.29 -6.38 21.02
N ALA A 114 -40.41 -5.38 20.95
CA ALA A 114 -39.31 -5.46 20.01
C ALA A 114 -38.44 -6.57 20.51
N GLN A 115 -37.66 -7.14 19.63
CA GLN A 115 -36.74 -8.19 20.03
C GLN A 115 -35.56 -8.24 19.08
N TYR A 116 -34.36 -8.07 19.62
CA TYR A 116 -33.13 -8.02 18.82
C TYR A 116 -32.59 -9.41 18.56
N VAL A 117 -31.81 -9.57 17.49
CA VAL A 117 -31.32 -10.91 17.20
C VAL A 117 -30.11 -11.08 16.27
N GLU A 118 -29.26 -12.05 16.64
CA GLU A 118 -28.08 -12.45 15.88
C GLU A 118 -28.29 -13.91 15.46
N ASP A 119 -27.93 -14.24 14.23
CA ASP A 119 -28.10 -15.60 13.72
C ASP A 119 -26.87 -16.44 14.01
N PRO A 120 -27.03 -17.44 14.89
CA PRO A 120 -25.94 -18.34 15.27
C PRO A 120 -25.00 -18.56 14.08
N ILE A 121 -25.59 -18.90 12.94
CA ILE A 121 -24.80 -19.16 11.75
C ILE A 121 -24.19 -17.86 11.24
N THR A 122 -24.99 -17.09 10.49
CA THR A 122 -24.53 -15.84 9.88
C THR A 122 -24.00 -14.83 10.88
N GLY A 123 -24.58 -14.85 12.09
CA GLY A 123 -24.25 -13.88 13.12
C GLY A 123 -24.61 -12.47 12.71
N ARG A 124 -25.61 -12.36 11.84
CA ARG A 124 -26.04 -11.06 11.38
C ARG A 124 -27.02 -10.46 12.38
N GLN A 125 -26.95 -9.14 12.52
CA GLN A 125 -27.77 -8.45 13.50
C GLN A 125 -29.00 -7.80 12.88
N SER A 126 -30.12 -7.93 13.58
CA SER A 126 -31.35 -7.36 13.08
C SER A 126 -32.39 -7.22 14.19
N VAL A 127 -33.31 -6.29 14.02
CA VAL A 127 -34.36 -6.10 15.02
C VAL A 127 -35.72 -6.41 14.43
N LEU A 128 -36.55 -7.12 15.19
CA LEU A 128 -37.87 -7.51 14.77
C LEU A 128 -38.92 -6.90 15.66
N VAL A 129 -40.08 -6.73 15.05
CA VAL A 129 -41.22 -6.14 15.70
C VAL A 129 -42.47 -6.80 15.15
N PRO A 130 -43.39 -7.15 16.04
CA PRO A 130 -44.62 -7.75 15.54
C PRO A 130 -45.44 -6.75 14.69
N TYR A 131 -45.82 -7.15 13.47
CA TYR A 131 -46.62 -6.26 12.63
C TYR A 131 -47.87 -5.96 13.38
N GLU A 132 -48.38 -4.74 13.24
CA GLU A 132 -49.62 -4.34 13.90
C GLU A 132 -50.34 -3.34 13.01
N PRO A 133 -51.52 -3.69 12.51
CA PRO A 133 -52.23 -2.80 11.59
C PRO A 133 -52.41 -1.38 12.15
N PRO A 134 -52.61 -0.42 11.24
CA PRO A 134 -52.76 1.00 11.57
C PRO A 134 -53.93 1.17 12.49
N GLN A 135 -54.06 2.36 13.03
CA GLN A 135 -55.20 2.57 13.89
C GLN A 135 -56.35 3.05 13.03
N VAL A 136 -57.56 3.04 13.60
CA VAL A 136 -58.75 3.47 12.86
C VAL A 136 -58.48 4.74 12.12
N GLY A 137 -58.84 4.75 10.85
CA GLY A 137 -58.68 5.91 10.00
C GLY A 137 -57.25 6.31 9.72
N THR A 138 -56.33 5.38 9.83
CA THR A 138 -54.92 5.66 9.57
C THR A 138 -54.41 4.79 8.43
N GLU A 139 -53.67 5.35 7.48
CA GLU A 139 -53.22 4.48 6.40
C GLU A 139 -51.93 3.66 6.62
N PHE A 140 -51.08 4.14 7.51
CA PHE A 140 -49.81 3.49 7.73
C PHE A 140 -49.57 2.96 9.12
N THR A 141 -48.70 1.97 9.19
CA THR A 141 -48.23 1.50 10.48
C THR A 141 -46.85 2.13 10.66
N THR A 142 -46.67 2.87 11.74
CA THR A 142 -45.40 3.52 11.98
C THR A 142 -44.48 2.73 12.88
N VAL A 143 -43.25 2.54 12.41
CA VAL A 143 -42.26 1.87 13.21
C VAL A 143 -41.17 2.92 13.46
N LEU A 144 -40.77 3.05 14.72
CA LEU A 144 -39.72 4.01 15.11
C LEU A 144 -38.28 3.43 15.15
N TYR A 145 -37.40 3.89 14.28
CA TYR A 145 -36.07 3.37 14.29
C TYR A 145 -34.97 4.34 14.79
N ASN A 146 -33.92 3.75 15.34
CA ASN A 146 -32.74 4.47 15.81
C ASN A 146 -31.48 3.84 15.20
N PHE A 147 -30.63 4.65 14.61
CA PHE A 147 -29.39 4.14 14.04
C PHE A 147 -28.24 4.61 14.94
N MET A 148 -27.50 3.65 15.47
CA MET A 148 -26.50 3.92 16.50
C MET A 148 -25.03 4.22 16.21
N CYS A 149 -24.67 4.47 14.96
CA CYS A 149 -23.29 4.82 14.65
C CYS A 149 -23.38 5.66 13.41
N ASN A 150 -22.43 6.55 13.19
CA ASN A 150 -22.42 7.28 11.94
C ASN A 150 -21.88 6.35 10.86
N SER A 151 -22.15 6.67 9.60
CA SER A 151 -21.65 5.87 8.51
C SER A 151 -20.22 6.37 8.29
N SER A 152 -19.50 6.63 9.38
CA SER A 152 -18.18 7.18 9.23
C SER A 152 -17.40 6.81 10.45
N CYS A 153 -18.06 6.12 11.36
CA CYS A 153 -17.35 5.63 12.53
C CYS A 153 -16.20 4.80 12.05
N VAL A 154 -15.02 5.11 12.57
CA VAL A 154 -13.81 4.34 12.29
C VAL A 154 -13.92 3.13 13.23
N GLY A 155 -13.69 1.93 12.74
CA GLY A 155 -13.85 0.76 13.57
C GLY A 155 -15.23 0.16 13.37
N GLY A 156 -15.97 0.73 12.42
CA GLY A 156 -17.31 0.29 12.05
C GLY A 156 -17.60 0.56 10.58
N MET A 157 -18.75 1.11 10.27
CA MET A 157 -19.04 1.36 8.86
C MET A 157 -17.91 2.03 8.09
N ASN A 158 -16.96 2.60 8.82
CA ASN A 158 -15.80 3.29 8.23
C ASN A 158 -16.09 4.05 6.93
N ARG A 159 -17.15 4.83 6.95
CA ARG A 159 -17.61 5.61 5.79
C ARG A 159 -17.97 4.71 4.60
N ARG A 160 -18.30 3.47 4.92
CA ARG A 160 -18.73 2.50 3.92
C ARG A 160 -20.26 2.46 3.87
N PRO A 161 -20.84 2.94 2.78
CA PRO A 161 -22.30 2.99 2.63
C PRO A 161 -23.01 1.69 3.05
N ILE A 162 -24.26 1.82 3.46
CA ILE A 162 -25.07 0.67 3.81
C ILE A 162 -26.51 0.89 3.34
N LEU A 163 -27.33 -0.12 3.54
CA LEU A 163 -28.72 0.03 3.19
C LEU A 163 -29.55 -0.82 4.12
N ILE A 164 -30.78 -0.38 4.39
CA ILE A 164 -31.59 -1.10 5.34
C ILE A 164 -32.49 -2.04 4.59
N ILE A 165 -32.65 -3.23 5.14
CA ILE A 165 -33.46 -4.22 4.49
C ILE A 165 -34.52 -4.61 5.44
N VAL A 166 -35.65 -3.95 5.22
CA VAL A 166 -36.81 -4.19 6.02
C VAL A 166 -37.62 -5.16 5.23
N THR A 167 -38.11 -6.15 5.94
CA THR A 167 -38.82 -7.24 5.36
C THR A 167 -39.98 -7.55 6.28
N LEU A 168 -41.01 -8.16 5.71
CA LEU A 168 -42.19 -8.54 6.45
C LEU A 168 -42.13 -10.03 6.41
N GLU A 169 -42.41 -10.68 7.53
CA GLU A 169 -42.34 -12.14 7.55
C GLU A 169 -43.42 -12.80 8.37
N THR A 170 -43.55 -14.10 8.14
CA THR A 170 -44.49 -14.91 8.88
C THR A 170 -43.85 -15.20 10.24
N ARG A 171 -44.67 -15.35 11.27
CA ARG A 171 -44.21 -15.63 12.63
C ARG A 171 -43.02 -16.58 12.66
N ASP A 172 -42.88 -17.36 11.59
CA ASP A 172 -41.82 -18.37 11.49
C ASP A 172 -40.82 -18.13 10.37
N GLY A 173 -40.58 -16.89 10.00
CA GLY A 173 -39.54 -16.61 9.01
C GLY A 173 -39.79 -16.67 7.51
N GLN A 174 -41.00 -16.98 7.07
CA GLN A 174 -41.20 -16.97 5.62
C GLN A 174 -41.30 -15.53 5.14
N VAL A 175 -40.48 -15.20 4.14
CA VAL A 175 -40.45 -13.85 3.59
C VAL A 175 -41.72 -13.43 2.85
N LEU A 176 -42.59 -12.66 3.50
CA LEU A 176 -43.85 -12.19 2.86
C LEU A 176 -43.65 -10.97 1.98
N GLY A 177 -42.54 -10.26 2.17
CA GLY A 177 -42.25 -9.07 1.40
C GLY A 177 -41.01 -8.38 1.95
N ARG A 178 -40.40 -7.52 1.13
CA ARG A 178 -39.21 -6.79 1.54
C ARG A 178 -38.96 -5.56 0.66
N ARG A 179 -38.42 -4.49 1.27
CA ARG A 179 -38.05 -3.28 0.54
C ARG A 179 -36.68 -2.86 1.05
N CYS A 180 -35.99 -1.97 0.33
CA CYS A 180 -34.66 -1.52 0.72
C CYS A 180 -34.32 -0.09 0.41
N PHE A 181 -33.57 0.55 1.28
CA PHE A 181 -33.10 1.90 0.98
C PHE A 181 -31.69 2.09 1.53
N GLU A 182 -30.92 2.96 0.90
CA GLU A 182 -29.60 3.27 1.39
C GLU A 182 -29.81 4.13 2.64
N ALA A 183 -28.88 4.03 3.58
CA ALA A 183 -28.91 4.82 4.81
C ALA A 183 -27.52 5.37 5.10
N ARG A 184 -27.40 6.69 5.12
CA ARG A 184 -26.17 7.33 5.51
C ARG A 184 -26.46 8.03 6.81
N ILE A 185 -26.02 7.50 7.93
CA ILE A 185 -26.31 8.25 9.14
C ILE A 185 -25.14 9.16 9.52
N CYS A 186 -25.31 10.44 9.22
CA CYS A 186 -24.31 11.47 9.43
C CYS A 186 -24.79 12.58 10.35
N ALA A 187 -23.95 13.59 10.52
CA ALA A 187 -24.24 14.71 11.39
C ALA A 187 -25.09 15.78 10.75
N CYS A 188 -25.00 15.96 9.43
CA CYS A 188 -25.82 16.96 8.76
C CYS A 188 -26.58 16.36 7.58
N PRO A 189 -27.68 15.68 7.86
CA PRO A 189 -28.46 15.05 6.79
C PRO A 189 -28.88 16.11 5.78
N GLY A 190 -29.30 17.27 6.29
CA GLY A 190 -29.64 18.39 5.42
C GLY A 190 -28.58 18.70 4.39
N ARG A 191 -27.38 19.04 4.86
CA ARG A 191 -26.27 19.34 3.97
C ARG A 191 -25.78 18.16 3.13
N ASP A 192 -25.68 16.99 3.75
CA ASP A 192 -25.17 15.86 3.01
C ASP A 192 -26.16 15.40 1.94
N ARG A 193 -27.40 15.85 2.05
CA ARG A 193 -28.38 15.49 1.03
C ARG A 193 -28.38 16.54 -0.05
N LYS A 194 -28.38 17.80 0.37
CA LYS A 194 -28.34 18.86 -0.62
C LYS A 194 -27.17 18.60 -1.54
N ALA A 195 -26.01 18.32 -0.95
CA ALA A 195 -24.80 18.05 -1.72
C ALA A 195 -24.98 16.83 -2.63
N ASP A 196 -25.44 15.72 -2.06
CA ASP A 196 -25.61 14.52 -2.87
C ASP A 196 -26.45 14.81 -4.09
N GLU A 197 -27.46 15.65 -3.95
CA GLU A 197 -28.35 16.03 -5.06
C GLU A 197 -27.68 17.03 -6.02
N ASP A 198 -26.43 17.35 -5.79
CA ASP A 198 -25.74 18.27 -6.67
C ASP A 198 -24.65 17.54 -7.43
N SER A 199 -24.31 16.34 -6.95
CA SER A 199 -23.31 15.52 -7.63
C SER A 199 -23.84 15.11 -9.01
N ILE A 200 -25.08 15.51 -9.29
CA ILE A 200 -25.72 15.23 -10.56
C ILE A 200 -26.53 16.44 -11.06
N MET B 4 -5.34 14.32 47.71
CA MET B 4 -6.60 14.03 47.05
C MET B 4 -6.73 14.70 45.68
N ALA B 5 -6.97 16.00 45.69
CA ALA B 5 -7.16 16.84 44.49
C ALA B 5 -6.41 16.44 43.22
N SER B 6 -6.88 16.97 42.08
CA SER B 6 -6.28 16.69 40.77
C SER B 6 -4.82 17.13 40.74
N PRO B 7 -3.94 16.25 40.22
CA PRO B 7 -2.49 16.47 40.15
C PRO B 7 -2.14 17.88 39.70
N SER B 8 -1.17 18.49 40.38
CA SER B 8 -0.77 19.85 40.07
C SER B 8 -0.12 19.98 38.70
N ASN B 9 -0.22 21.18 38.12
CA ASN B 9 0.35 21.42 36.81
C ASN B 9 1.25 22.66 36.78
N THR B 10 1.65 23.15 37.95
CA THR B 10 2.50 24.32 38.01
C THR B 10 3.99 23.97 37.92
N ASP B 11 4.71 24.72 37.11
CA ASP B 11 6.13 24.52 36.94
C ASP B 11 6.81 24.66 38.30
N TYR B 12 7.76 23.77 38.57
CA TYR B 12 8.46 23.75 39.85
C TYR B 12 9.84 23.20 39.61
N PRO B 13 10.78 24.10 39.27
CA PRO B 13 12.17 23.78 38.97
C PRO B 13 12.74 22.88 40.05
N GLY B 14 12.49 23.25 41.28
CA GLY B 14 12.93 22.45 42.40
C GLY B 14 14.40 22.62 42.74
N PRO B 15 14.86 21.89 43.74
CA PRO B 15 16.25 21.94 44.20
C PRO B 15 17.24 21.57 43.11
N HIS B 16 16.89 20.69 42.19
CA HIS B 16 17.83 20.31 41.14
C HIS B 16 17.65 21.07 39.84
N SER B 17 17.00 22.22 39.88
CA SER B 17 16.74 23.01 38.68
C SER B 17 16.27 22.17 37.48
N PHE B 18 15.26 21.34 37.71
CA PHE B 18 14.68 20.45 36.73
C PHE B 18 13.95 21.21 35.63
N ASP B 19 14.32 20.93 34.37
CA ASP B 19 13.71 21.60 33.23
C ASP B 19 13.55 20.66 32.04
N VAL B 20 12.50 20.86 31.25
CA VAL B 20 12.31 20.02 30.06
C VAL B 20 12.27 20.92 28.83
N SER B 21 12.80 20.41 27.72
CA SER B 21 12.84 21.18 26.48
C SER B 21 12.83 20.27 25.26
N PHE B 22 12.76 20.87 24.07
CA PHE B 22 12.73 20.11 22.82
C PHE B 22 13.81 20.57 21.82
N GLN B 23 14.46 19.62 21.14
CA GLN B 23 15.47 19.97 20.12
C GLN B 23 14.85 20.61 18.87
N SER B 30 7.59 18.85 7.11
CA SER B 30 6.70 18.52 8.23
C SER B 30 7.09 17.20 8.93
N ALA B 31 8.07 17.31 9.85
CA ALA B 31 8.62 16.15 10.59
C ALA B 31 7.56 15.42 11.40
N THR B 32 8.00 14.44 12.17
CA THR B 32 7.05 13.66 12.94
C THR B 32 6.34 14.49 13.99
N TRP B 33 6.97 15.57 14.45
CA TRP B 33 6.37 16.44 15.46
C TRP B 33 6.92 17.84 15.39
N THR B 34 6.50 18.68 16.33
CA THR B 34 7.03 20.03 16.38
C THR B 34 6.54 20.65 17.70
N TYR B 35 7.36 21.53 18.26
CA TYR B 35 7.02 22.15 19.54
C TYR B 35 7.08 23.66 19.48
N SER B 36 5.99 24.30 19.89
CA SER B 36 5.90 25.75 19.91
C SER B 36 6.26 26.22 21.30
N THR B 37 7.31 27.01 21.41
CA THR B 37 7.74 27.45 22.73
C THR B 37 6.83 28.56 23.28
N GLU B 38 6.28 29.38 22.40
CA GLU B 38 5.45 30.48 22.85
C GLU B 38 4.11 29.98 23.38
N LEU B 39 3.67 28.82 22.89
CA LEU B 39 2.42 28.24 23.33
C LEU B 39 2.65 27.07 24.28
N LYS B 40 3.93 26.76 24.55
CA LYS B 40 4.28 25.62 25.40
C LYS B 40 3.43 24.41 25.03
N LYS B 41 3.34 24.12 23.73
CA LYS B 41 2.47 23.05 23.25
C LYS B 41 3.19 22.12 22.26
N LEU B 42 3.03 20.82 22.48
CA LEU B 42 3.67 19.81 21.63
C LEU B 42 2.69 19.30 20.59
N TYR B 43 3.03 19.41 19.32
CA TYR B 43 2.20 18.87 18.25
C TYR B 43 2.86 17.59 17.75
N CYS B 44 2.15 16.46 17.74
CA CYS B 44 2.82 15.25 17.26
C CYS B 44 1.89 14.15 16.81
N GLN B 45 2.38 13.38 15.84
CA GLN B 45 1.61 12.26 15.28
C GLN B 45 1.49 11.09 16.24
N ILE B 46 0.45 10.31 16.06
CA ILE B 46 0.20 9.21 16.97
C ILE B 46 1.26 8.12 16.86
N ALA B 47 1.62 7.52 17.98
CA ALA B 47 2.57 6.39 17.99
C ALA B 47 4.00 6.71 17.52
N LYS B 48 4.19 7.77 16.74
CA LYS B 48 5.53 8.16 16.34
C LYS B 48 6.34 8.45 17.59
N THR B 49 7.66 8.42 17.47
CA THR B 49 8.51 8.63 18.64
C THR B 49 8.73 10.12 18.92
N CYS B 50 8.71 10.47 20.20
CA CYS B 50 8.86 11.85 20.61
C CYS B 50 9.96 12.07 21.65
N PRO B 51 11.08 12.67 21.23
CA PRO B 51 12.24 12.89 22.09
C PRO B 51 12.08 14.10 22.99
N ILE B 52 12.24 13.93 24.29
CA ILE B 52 12.13 15.05 25.20
C ILE B 52 13.40 15.19 25.99
N GLN B 53 13.89 16.42 26.12
CA GLN B 53 15.14 16.68 26.82
C GLN B 53 14.97 17.16 28.25
N ILE B 54 15.58 16.40 29.15
CA ILE B 54 15.62 16.71 30.58
C ILE B 54 16.94 17.37 30.96
N LYS B 55 16.88 18.31 31.87
CA LYS B 55 18.10 18.98 32.31
C LYS B 55 18.02 19.24 33.80
N VAL B 56 19.12 18.95 34.51
CA VAL B 56 19.20 19.25 35.93
C VAL B 56 20.50 19.98 36.17
N MET B 57 20.57 20.70 37.27
CA MET B 57 21.77 21.45 37.58
C MET B 57 22.58 20.84 38.73
N THR B 58 21.99 19.87 39.41
CA THR B 58 22.66 19.13 40.48
C THR B 58 22.06 17.74 40.44
N PRO B 59 22.87 16.71 40.66
CA PRO B 59 22.34 15.35 40.51
C PRO B 59 21.21 15.07 41.46
N PRO B 60 20.12 14.50 40.94
CA PRO B 60 19.00 14.10 41.79
C PRO B 60 19.43 12.94 42.68
N PRO B 61 18.65 12.64 43.72
CA PRO B 61 18.94 11.58 44.68
C PRO B 61 19.20 10.21 44.08
N GLN B 62 18.87 9.22 44.89
CA GLN B 62 19.15 7.81 44.59
C GLN B 62 18.32 7.16 43.48
N GLY B 63 17.18 6.63 43.86
CA GLY B 63 16.32 5.99 42.88
C GLY B 63 15.47 7.01 42.16
N ALA B 64 15.98 8.22 42.04
CA ALA B 64 15.27 9.30 41.37
C ALA B 64 14.68 8.83 40.02
N VAL B 65 13.41 9.19 39.80
CA VAL B 65 12.71 8.79 38.58
C VAL B 65 12.07 9.97 37.84
N ILE B 66 11.73 9.74 36.59
CA ILE B 66 11.04 10.74 35.79
C ILE B 66 9.71 10.13 35.36
N ARG B 67 8.63 10.72 35.85
CA ARG B 67 7.29 10.24 35.54
C ARG B 67 6.56 11.18 34.58
N ALA B 68 5.85 10.59 33.62
CA ALA B 68 5.05 11.35 32.67
C ALA B 68 3.61 10.95 32.84
N MET B 69 2.74 11.94 33.05
CA MET B 69 1.32 11.67 33.28
C MET B 69 0.49 12.64 32.51
N PRO B 70 -0.52 12.15 31.78
CA PRO B 70 -1.40 13.02 31.03
C PRO B 70 -2.58 13.41 31.90
N VAL B 71 -3.12 14.60 31.67
CA VAL B 71 -4.27 15.05 32.42
C VAL B 71 -5.01 16.07 31.57
N TYR B 72 -6.34 16.08 31.62
CA TYR B 72 -7.06 17.06 30.79
C TYR B 72 -6.71 18.48 31.20
N LYS B 73 -6.67 19.37 30.22
CA LYS B 73 -6.33 20.76 30.44
C LYS B 73 -7.48 21.58 31.08
N LYS B 74 -8.70 21.48 30.54
CA LYS B 74 -9.86 22.27 31.04
C LYS B 74 -10.38 21.80 32.38
N ALA B 75 -10.81 22.73 33.23
CA ALA B 75 -11.32 22.33 34.54
C ALA B 75 -12.49 21.36 34.39
N GLU B 76 -13.35 21.65 33.40
CA GLU B 76 -14.47 20.80 33.10
C GLU B 76 -14.12 19.33 33.02
N HIS B 77 -12.86 19.01 32.74
CA HIS B 77 -12.47 17.62 32.56
C HIS B 77 -11.37 17.05 33.43
N VAL B 78 -10.67 17.91 34.16
CA VAL B 78 -9.53 17.45 34.96
C VAL B 78 -9.75 16.18 35.73
N THR B 79 -10.95 15.97 36.25
CA THR B 79 -11.18 14.79 37.08
C THR B 79 -11.19 13.47 36.34
N GLU B 80 -11.33 13.50 35.03
CA GLU B 80 -11.35 12.27 34.27
C GLU B 80 -9.94 11.77 33.90
N VAL B 81 -9.61 10.53 34.24
CA VAL B 81 -8.32 9.96 33.88
C VAL B 81 -8.20 10.00 32.36
N VAL B 82 -6.98 10.21 31.89
CA VAL B 82 -6.75 10.23 30.45
C VAL B 82 -6.23 8.87 30.02
N LYS B 83 -6.97 8.20 29.13
CA LYS B 83 -6.58 6.88 28.67
C LYS B 83 -6.86 6.79 27.20
N ARG B 84 -6.52 5.64 26.63
CA ARG B 84 -6.71 5.40 25.21
C ARG B 84 -8.15 5.10 24.99
N CYS B 85 -8.63 5.45 23.81
CA CYS B 85 -10.00 5.14 23.46
C CYS B 85 -10.16 3.65 23.30
N PRO B 86 -11.39 3.15 23.43
CA PRO B 86 -11.62 1.71 23.32
C PRO B 86 -11.08 1.14 22.01
N ASN B 87 -11.25 1.86 20.92
CA ASN B 87 -10.78 1.34 19.64
C ASN B 87 -9.34 0.93 19.70
N HIS B 88 -8.48 1.89 20.03
CA HIS B 88 -7.05 1.64 20.09
C HIS B 88 -6.66 0.68 21.19
N GLU B 89 -7.38 0.71 22.31
CA GLU B 89 -7.06 -0.18 23.41
C GLU B 89 -7.27 -1.64 23.07
N LEU B 90 -8.19 -1.91 22.16
CA LEU B 90 -8.51 -3.29 21.79
C LEU B 90 -7.85 -3.74 20.48
N SER B 91 -7.57 -2.80 19.60
CA SER B 91 -6.96 -3.10 18.33
C SER B 91 -5.69 -3.93 18.53
N ARG B 92 -5.35 -4.72 17.53
CA ARG B 92 -4.11 -5.48 17.61
C ARG B 92 -3.00 -4.46 17.34
N GLU B 93 -3.24 -3.58 16.37
CA GLU B 93 -2.28 -2.56 15.98
C GLU B 93 -1.67 -1.86 17.19
N PHE B 94 -0.34 -1.80 17.21
CA PHE B 94 0.42 -1.14 18.25
C PHE B 94 0.44 -1.85 19.59
N ASN B 95 -0.21 -3.00 19.71
CA ASN B 95 -0.20 -3.67 21.01
C ASN B 95 0.29 -5.11 20.97
N GLU B 96 0.77 -5.52 19.80
CA GLU B 96 1.24 -6.89 19.56
C GLU B 96 2.32 -7.32 20.56
N GLY B 97 3.56 -7.07 20.19
CA GLY B 97 4.64 -7.34 21.11
C GLY B 97 4.78 -6.03 21.83
N GLN B 98 4.35 -5.96 23.09
CA GLN B 98 4.45 -4.69 23.83
C GLN B 98 4.04 -4.89 25.28
N ILE B 99 4.85 -4.31 26.16
CA ILE B 99 4.66 -4.43 27.61
C ILE B 99 3.76 -3.33 28.21
N ALA B 100 3.54 -2.26 27.47
CA ALA B 100 2.71 -1.17 27.97
C ALA B 100 1.29 -1.67 27.97
N PRO B 101 0.59 -1.53 29.09
CA PRO B 101 -0.80 -1.98 29.06
C PRO B 101 -1.40 -1.18 27.93
N PRO B 102 -2.28 -1.82 27.15
CA PRO B 102 -2.89 -1.27 25.94
C PRO B 102 -3.76 -0.03 26.20
N SER B 103 -4.16 0.20 27.45
CA SER B 103 -4.98 1.38 27.75
C SER B 103 -4.16 2.68 27.95
N HIS B 104 -2.90 2.56 28.40
CA HIS B 104 -2.05 3.73 28.67
C HIS B 104 -1.79 4.62 27.48
N LEU B 105 -2.08 5.89 27.65
CA LEU B 105 -1.89 6.84 26.56
C LEU B 105 -0.43 7.07 26.28
N ILE B 106 0.34 7.27 27.34
CA ILE B 106 1.76 7.54 27.21
C ILE B 106 2.62 6.31 27.37
N ARG B 107 3.53 6.11 26.44
CA ARG B 107 4.51 5.03 26.49
C ARG B 107 5.90 5.63 26.35
N VAL B 108 6.90 4.87 26.73
CA VAL B 108 8.28 5.29 26.52
C VAL B 108 8.97 4.16 25.75
N GLU B 109 9.64 4.49 24.65
CA GLU B 109 10.34 3.46 23.91
C GLU B 109 11.84 3.53 24.16
N GLY B 110 12.49 2.38 24.06
CA GLY B 110 13.94 2.33 24.21
C GLY B 110 14.45 2.28 25.63
N ASN B 111 13.59 1.87 26.56
CA ASN B 111 14.03 1.77 27.94
C ASN B 111 13.37 0.61 28.65
N SER B 112 14.11 -0.48 28.82
CA SER B 112 13.62 -1.69 29.46
C SER B 112 13.22 -1.50 30.92
N HIS B 113 13.66 -0.42 31.55
CA HIS B 113 13.33 -0.21 32.96
C HIS B 113 12.05 0.58 33.14
N ALA B 114 11.51 1.08 32.03
CA ALA B 114 10.26 1.83 32.03
C ALA B 114 9.19 1.02 32.73
N GLN B 115 8.45 1.63 33.63
CA GLN B 115 7.40 0.89 34.28
C GLN B 115 6.10 1.69 34.30
N TYR B 116 5.04 1.02 33.87
CA TYR B 116 3.74 1.61 33.81
C TYR B 116 3.06 1.42 35.15
N VAL B 117 2.28 2.40 35.54
CA VAL B 117 1.61 2.30 36.82
C VAL B 117 0.23 2.95 36.81
N GLU B 118 -0.68 2.31 37.52
CA GLU B 118 -2.05 2.78 37.66
C GLU B 118 -2.26 2.97 39.15
N ASP B 119 -2.66 4.17 39.54
CA ASP B 119 -2.88 4.42 40.94
C ASP B 119 -4.06 3.61 41.44
N PRO B 120 -3.86 2.82 42.50
CA PRO B 120 -4.91 1.96 43.05
C PRO B 120 -6.11 2.74 43.52
N ILE B 121 -5.90 3.99 43.92
CA ILE B 121 -7.02 4.79 44.40
C ILE B 121 -7.52 5.78 43.37
N THR B 122 -6.63 6.56 42.78
CA THR B 122 -7.02 7.56 41.78
C THR B 122 -7.27 6.96 40.40
N GLY B 123 -6.74 5.77 40.16
CA GLY B 123 -6.89 5.12 38.87
C GLY B 123 -6.11 5.80 37.77
N ARG B 124 -5.29 6.79 38.14
CA ARG B 124 -4.52 7.50 37.13
C ARG B 124 -3.37 6.68 36.59
N GLN B 125 -3.09 6.86 35.31
CA GLN B 125 -2.02 6.11 34.67
C GLN B 125 -0.84 6.99 34.31
N SER B 126 0.36 6.46 34.48
CA SER B 126 1.56 7.21 34.14
C SER B 126 2.64 6.22 33.85
N VAL B 127 3.73 6.71 33.29
CA VAL B 127 4.86 5.86 33.01
C VAL B 127 6.16 6.46 33.57
N LEU B 128 6.88 5.69 34.37
CA LEU B 128 8.13 6.19 34.95
C LEU B 128 9.36 5.60 34.28
N VAL B 129 10.45 6.31 34.44
CA VAL B 129 11.73 5.86 33.95
C VAL B 129 12.74 6.26 35.01
N PRO B 130 13.64 5.34 35.37
CA PRO B 130 14.65 5.74 36.35
C PRO B 130 15.49 6.89 35.78
N TYR B 131 15.75 7.91 36.58
CA TYR B 131 16.56 9.02 36.09
C TYR B 131 17.98 8.57 35.86
N GLU B 132 18.59 9.03 34.78
CA GLU B 132 19.99 8.75 34.54
C GLU B 132 20.63 10.00 33.95
N PRO B 133 21.81 10.37 34.46
CA PRO B 133 22.49 11.58 33.96
C PRO B 133 22.76 11.46 32.48
N PRO B 134 23.04 12.57 31.80
CA PRO B 134 23.31 12.53 30.35
C PRO B 134 24.54 11.70 30.04
N GLN B 135 24.73 11.37 28.77
CA GLN B 135 25.93 10.67 28.34
C GLN B 135 27.08 11.67 28.50
N VAL B 136 28.30 11.18 28.70
CA VAL B 136 29.48 12.05 28.86
C VAL B 136 29.57 13.06 27.71
N GLY B 137 29.68 14.35 28.07
CA GLY B 137 29.79 15.40 27.06
C GLY B 137 28.46 15.83 26.48
N THR B 138 27.38 15.28 27.02
CA THR B 138 26.02 15.64 26.61
C THR B 138 25.48 16.48 27.73
N GLU B 139 24.64 17.47 27.42
CA GLU B 139 24.06 18.28 28.50
C GLU B 139 22.66 17.81 28.88
N PHE B 140 22.06 16.96 28.05
CA PHE B 140 20.69 16.51 28.28
C PHE B 140 20.47 15.02 28.42
N THR B 141 19.62 14.64 29.37
CA THR B 141 19.17 13.26 29.50
C THR B 141 17.97 13.19 28.57
N THR B 142 17.95 12.26 27.63
CA THR B 142 16.84 12.17 26.69
C THR B 142 15.85 11.05 27.01
N VAL B 143 14.56 11.37 26.95
CA VAL B 143 13.54 10.36 27.16
C VAL B 143 12.68 10.30 25.90
N LEU B 144 12.45 9.09 25.44
CA LEU B 144 11.68 8.88 24.23
C LEU B 144 10.24 8.50 24.53
N TYR B 145 9.33 9.44 24.26
CA TYR B 145 7.93 9.19 24.52
C TYR B 145 7.12 8.90 23.27
N ASN B 146 6.12 8.03 23.42
CA ASN B 146 5.15 7.72 22.37
C ASN B 146 3.75 7.97 22.90
N PHE B 147 2.91 8.64 22.11
CA PHE B 147 1.52 8.92 22.48
C PHE B 147 0.61 8.07 21.63
N MET B 148 -0.22 7.27 22.29
CA MET B 148 -1.00 6.23 21.60
C MET B 148 -2.43 6.50 21.07
N CYS B 149 -2.94 7.71 21.22
CA CYS B 149 -4.26 8.04 20.67
C CYS B 149 -4.14 9.44 20.12
N ASN B 150 -4.89 9.74 19.07
CA ASN B 150 -4.95 11.11 18.59
C ASN B 150 -5.81 11.88 19.58
N SER B 151 -5.65 13.19 19.65
CA SER B 151 -6.45 13.98 20.59
C SER B 151 -7.92 13.80 20.29
N SER B 152 -8.26 13.79 19.01
CA SER B 152 -9.64 13.65 18.57
C SER B 152 -10.29 12.26 18.78
N CYS B 153 -9.54 11.26 19.20
CA CYS B 153 -10.13 9.93 19.37
C CYS B 153 -11.48 9.91 20.08
N VAL B 154 -12.51 9.55 19.34
CA VAL B 154 -13.83 9.40 19.89
C VAL B 154 -13.75 8.24 20.86
N GLY B 155 -14.44 8.33 21.97
CA GLY B 155 -14.42 7.26 22.93
C GLY B 155 -13.28 7.47 23.89
N GLY B 156 -12.38 8.40 23.56
CA GLY B 156 -11.25 8.69 24.40
C GLY B 156 -11.12 10.15 24.75
N MET B 157 -10.08 10.79 24.26
CA MET B 157 -9.88 12.19 24.55
C MET B 157 -10.95 13.08 23.91
N ASN B 158 -11.62 12.55 22.88
CA ASN B 158 -12.70 13.25 22.21
C ASN B 158 -12.41 14.72 22.02
N ARG B 159 -11.21 14.97 21.50
CA ARG B 159 -10.62 16.27 21.23
C ARG B 159 -10.51 17.26 22.39
N ARG B 160 -10.56 16.74 23.60
CA ARG B 160 -10.34 17.55 24.79
C ARG B 160 -8.83 17.67 24.98
N PRO B 161 -8.30 18.90 24.96
CA PRO B 161 -6.87 19.15 25.12
C PRO B 161 -6.28 18.54 26.37
N ILE B 162 -5.02 18.11 26.30
CA ILE B 162 -4.37 17.57 27.48
C ILE B 162 -3.06 18.26 27.78
N LEU B 163 -2.57 18.02 28.98
CA LEU B 163 -1.31 18.56 29.41
C LEU B 163 -0.52 17.36 29.80
N ILE B 164 0.79 17.41 29.54
CA ILE B 164 1.66 16.35 29.98
C ILE B 164 2.40 16.85 31.20
N ILE B 165 2.41 16.05 32.24
CA ILE B 165 3.07 16.47 33.44
C ILE B 165 4.22 15.55 33.73
N VAL B 166 5.40 16.04 33.36
CA VAL B 166 6.62 15.30 33.60
C VAL B 166 7.18 15.75 34.94
N THR B 167 7.41 14.77 35.80
CA THR B 167 7.79 15.06 37.14
C THR B 167 9.03 14.28 37.59
N LEU B 168 9.97 14.98 38.24
CA LEU B 168 11.17 14.36 38.77
C LEU B 168 10.85 13.97 40.18
N GLU B 169 10.99 12.70 40.52
CA GLU B 169 10.62 12.25 41.85
C GLU B 169 11.67 11.43 42.58
N THR B 170 11.50 11.36 43.89
CA THR B 170 12.37 10.58 44.71
C THR B 170 11.96 9.13 44.51
N ARG B 171 12.85 8.21 44.85
CA ARG B 171 12.57 6.78 44.71
C ARG B 171 11.20 6.42 45.27
N ASP B 172 10.77 7.16 46.28
CA ASP B 172 9.49 6.91 46.93
C ASP B 172 8.42 7.95 46.61
N GLY B 173 8.43 8.47 45.39
CA GLY B 173 7.40 9.39 44.95
C GLY B 173 7.23 10.76 45.58
N GLN B 174 8.29 11.31 46.14
CA GLN B 174 8.20 12.67 46.62
C GLN B 174 8.60 13.49 45.42
N VAL B 175 7.81 14.50 45.06
CA VAL B 175 8.11 15.30 43.88
C VAL B 175 9.23 16.31 44.14
N LEU B 176 10.26 16.28 43.29
CA LEU B 176 11.44 17.12 43.40
C LEU B 176 11.47 18.23 42.37
N GLY B 177 10.68 18.05 41.31
CA GLY B 177 10.58 19.02 40.23
C GLY B 177 9.41 18.66 39.31
N ARG B 178 8.89 19.65 38.60
CA ARG B 178 7.77 19.41 37.71
C ARG B 178 7.73 20.42 36.55
N ARG B 179 7.52 19.94 35.34
CA ARG B 179 7.35 20.85 34.21
C ARG B 179 6.13 20.37 33.40
N CYS B 180 5.47 21.30 32.72
CA CYS B 180 4.27 20.94 32.00
C CYS B 180 4.24 21.56 30.66
N PHE B 181 3.56 20.89 29.75
CA PHE B 181 3.32 21.43 28.42
C PHE B 181 2.05 20.80 27.87
N GLU B 182 1.35 21.53 27.01
CA GLU B 182 0.16 21.00 26.39
C GLU B 182 0.61 20.08 25.28
N ALA B 183 -0.19 19.05 25.03
CA ALA B 183 0.12 18.11 23.98
C ALA B 183 -1.08 17.95 23.07
N ARG B 184 -0.86 18.15 21.79
CA ARG B 184 -1.91 17.91 20.80
C ARG B 184 -1.42 16.82 19.85
N ILE B 185 -1.87 15.60 20.09
CA ILE B 185 -1.58 14.50 19.20
C ILE B 185 -2.53 14.55 18.01
N CYS B 186 -2.00 14.80 16.82
CA CYS B 186 -2.83 14.87 15.64
C CYS B 186 -2.18 14.27 14.39
N ALA B 187 -2.82 14.47 13.25
CA ALA B 187 -2.34 13.90 12.01
C ALA B 187 -1.40 14.82 11.22
N CYS B 188 -1.51 16.12 11.42
CA CYS B 188 -0.63 17.04 10.72
C CYS B 188 -0.11 18.08 11.70
N PRO B 189 0.88 17.71 12.51
CA PRO B 189 1.39 18.66 13.50
C PRO B 189 1.75 19.98 12.84
N GLY B 190 2.38 19.90 11.67
CA GLY B 190 2.76 21.10 10.95
C GLY B 190 1.60 22.03 10.71
N ARG B 191 0.58 21.52 10.03
CA ARG B 191 -0.62 22.32 9.71
C ARG B 191 -1.25 22.92 10.95
N ASP B 192 -1.59 22.05 11.88
CA ASP B 192 -2.28 22.44 13.10
C ASP B 192 -1.52 23.48 13.91
N ARG B 193 -0.20 23.35 13.98
CA ARG B 193 0.57 24.33 14.72
C ARG B 193 0.44 25.68 14.05
N LYS B 194 0.63 25.69 12.73
CA LYS B 194 0.54 26.92 11.96
C LYS B 194 -0.83 27.55 12.15
N ALA B 195 -1.84 26.70 12.26
CA ALA B 195 -3.21 27.15 12.49
C ALA B 195 -3.31 27.93 13.79
N ASP B 196 -2.94 27.29 14.89
CA ASP B 196 -2.96 27.96 16.19
C ASP B 196 -2.14 29.25 16.16
N GLU B 197 -1.06 29.25 15.39
CA GLU B 197 -0.21 30.44 15.32
C GLU B 197 -0.91 31.60 14.59
N ASP B 198 -1.58 31.30 13.48
CA ASP B 198 -2.30 32.35 12.76
C ASP B 198 -3.50 32.78 13.61
N SER B 199 -4.13 31.82 14.28
CA SER B 199 -5.28 32.11 15.13
C SER B 199 -5.02 33.31 16.05
N ILE B 200 -3.82 33.42 16.59
CA ILE B 200 -3.51 34.56 17.46
C ILE B 200 -3.09 35.77 16.62
N ARG B 201 -2.77 35.51 15.36
CA ARG B 201 -2.48 36.54 14.37
C ARG B 201 -3.74 37.43 14.28
N LYS B 202 -4.58 37.41 15.31
CA LYS B 202 -5.81 38.18 15.36
C LYS B 202 -5.56 39.67 15.12
N ALA C 5 16.92 -26.95 4.79
CA ALA C 5 16.98 -25.58 5.31
C ALA C 5 18.01 -24.72 4.57
N SER C 6 17.80 -23.41 4.61
CA SER C 6 18.70 -22.42 3.98
C SER C 6 20.16 -22.65 4.33
N PRO C 7 21.02 -22.90 3.32
CA PRO C 7 22.48 -23.16 3.43
C PRO C 7 23.24 -22.11 4.25
N SER C 8 24.26 -22.56 5.00
CA SER C 8 25.01 -21.67 5.92
C SER C 8 25.98 -20.65 5.29
N ASN C 9 26.03 -19.45 5.87
CA ASN C 9 26.82 -18.36 5.35
C ASN C 9 27.93 -17.92 6.32
N THR C 10 28.27 -18.79 7.26
CA THR C 10 29.27 -18.40 8.26
C THR C 10 30.66 -18.82 7.86
N ASP C 11 31.61 -17.90 8.02
CA ASP C 11 33.00 -18.19 7.67
C ASP C 11 33.46 -19.42 8.43
N TYR C 12 34.15 -20.30 7.74
CA TYR C 12 34.65 -21.52 8.33
C TYR C 12 35.94 -21.91 7.63
N PRO C 13 37.06 -21.36 8.14
CA PRO C 13 38.40 -21.58 7.61
C PRO C 13 38.64 -23.04 7.38
N GLY C 14 38.21 -23.86 8.35
CA GLY C 14 38.36 -25.31 8.24
C GLY C 14 39.79 -25.79 8.45
N PRO C 15 39.98 -27.11 8.35
CA PRO C 15 41.26 -27.79 8.51
C PRO C 15 42.33 -27.31 7.53
N HIS C 16 41.95 -26.87 6.34
CA HIS C 16 42.95 -26.39 5.38
C HIS C 16 43.13 -24.86 5.35
N SER C 17 42.60 -24.17 6.36
CA SER C 17 42.72 -22.72 6.45
C SER C 17 42.31 -22.05 5.15
N PHE C 18 41.15 -22.44 4.64
CA PHE C 18 40.58 -21.93 3.41
C PHE C 18 40.21 -20.47 3.52
N ASP C 19 40.70 -19.65 2.59
CA ASP C 19 40.38 -18.22 2.61
C ASP C 19 40.23 -17.65 1.20
N VAL C 20 39.37 -16.66 1.02
CA VAL C 20 39.18 -16.02 -0.28
C VAL C 20 39.46 -14.52 -0.19
N SER C 21 40.02 -13.97 -1.26
CA SER C 21 40.46 -12.58 -1.27
C SER C 21 40.50 -12.01 -2.66
N PHE C 22 40.71 -10.70 -2.76
CA PHE C 22 40.75 -10.03 -4.04
C PHE C 22 42.02 -9.21 -4.29
N GLN C 23 42.57 -9.28 -5.49
CA GLN C 23 43.76 -8.49 -5.82
C GLN C 23 43.46 -7.02 -5.84
N GLN C 24 44.35 -6.26 -6.45
CA GLN C 24 44.13 -4.83 -6.53
C GLN C 24 42.74 -4.57 -7.08
N SER C 25 42.10 -3.50 -6.61
CA SER C 25 40.79 -3.18 -7.11
C SER C 25 40.89 -1.99 -8.04
N SER C 26 42.11 -1.68 -8.44
CA SER C 26 42.44 -0.65 -9.42
C SER C 26 41.54 0.58 -9.55
N THR C 27 40.72 0.87 -8.53
CA THR C 27 39.81 2.04 -8.50
C THR C 27 39.42 2.62 -9.89
N ALA C 28 40.42 3.15 -10.61
CA ALA C 28 40.32 3.69 -12.00
C ALA C 28 39.09 4.53 -12.40
N LYS C 29 38.05 4.51 -11.54
CA LYS C 29 36.83 5.25 -11.82
C LYS C 29 35.99 4.47 -12.84
N SER C 30 36.62 3.55 -13.54
CA SER C 30 35.98 2.77 -14.59
C SER C 30 36.37 1.31 -14.55
N ALA C 31 36.83 0.87 -13.38
CA ALA C 31 37.23 -0.50 -13.17
C ALA C 31 36.07 -1.41 -13.52
N THR C 32 36.38 -2.60 -13.96
CA THR C 32 35.32 -3.54 -14.26
C THR C 32 34.73 -4.11 -12.96
N TRP C 33 35.42 -3.91 -11.84
CA TRP C 33 34.97 -4.40 -10.54
C TRP C 33 35.86 -3.84 -9.46
N THR C 34 35.41 -3.93 -8.22
CA THR C 34 36.18 -3.45 -7.09
C THR C 34 35.64 -4.12 -5.84
N TYR C 35 36.50 -4.34 -4.85
CA TYR C 35 36.07 -5.01 -3.63
C TYR C 35 36.41 -4.22 -2.40
N SER C 36 35.41 -3.99 -1.56
CA SER C 36 35.59 -3.26 -0.31
C SER C 36 35.82 -4.27 0.78
N THR C 37 36.96 -4.17 1.46
CA THR C 37 37.28 -5.15 2.50
C THR C 37 36.52 -4.89 3.79
N GLU C 38 36.26 -3.61 4.07
CA GLU C 38 35.55 -3.24 5.29
C GLU C 38 34.08 -3.63 5.23
N LEU C 39 33.54 -3.70 4.01
CA LEU C 39 32.15 -4.10 3.86
C LEU C 39 32.02 -5.54 3.38
N LYS C 40 33.15 -6.21 3.15
CA LYS C 40 33.15 -7.57 2.61
C LYS C 40 32.15 -7.70 1.44
N LYS C 41 32.14 -6.70 0.56
CA LYS C 41 31.21 -6.64 -0.54
C LYS C 41 31.88 -6.42 -1.91
N LEU C 42 31.49 -7.24 -2.88
CA LEU C 42 32.05 -7.18 -4.23
C LEU C 42 31.18 -6.35 -5.15
N TYR C 43 31.74 -5.31 -5.79
CA TYR C 43 30.99 -4.48 -6.74
C TYR C 43 31.48 -4.84 -8.14
N CYS C 44 30.59 -5.27 -9.02
CA CYS C 44 31.07 -5.61 -10.36
C CYS C 44 30.03 -5.58 -11.47
N GLN C 45 30.46 -5.23 -12.66
CA GLN C 45 29.58 -5.15 -13.79
C GLN C 45 29.15 -6.52 -14.32
N ILE C 46 27.91 -6.60 -14.80
CA ILE C 46 27.35 -7.85 -15.29
C ILE C 46 28.27 -8.47 -16.33
N ALA C 47 28.31 -9.79 -16.41
CA ALA C 47 29.12 -10.52 -17.42
C ALA C 47 30.66 -10.31 -17.41
N LYS C 48 31.13 -9.15 -16.95
CA LYS C 48 32.56 -8.89 -16.91
C LYS C 48 33.24 -9.94 -16.03
N THR C 49 34.46 -10.30 -16.37
CA THR C 49 35.13 -11.37 -15.64
C THR C 49 35.61 -10.89 -14.27
N CYS C 50 35.49 -11.77 -13.29
CA CYS C 50 35.83 -11.44 -11.90
C CYS C 50 36.79 -12.45 -11.26
N PRO C 51 38.04 -12.03 -11.06
CA PRO C 51 39.06 -12.91 -10.51
C PRO C 51 38.95 -13.00 -8.99
N ILE C 52 38.90 -14.21 -8.46
CA ILE C 52 38.85 -14.42 -7.03
C ILE C 52 40.03 -15.28 -6.60
N GLN C 53 40.66 -14.90 -5.50
CA GLN C 53 41.84 -15.62 -5.02
C GLN C 53 41.57 -16.55 -3.85
N ILE C 54 41.92 -17.82 -4.05
CA ILE C 54 41.76 -18.85 -3.04
C ILE C 54 43.11 -19.13 -2.42
N LYS C 55 43.11 -19.41 -1.13
CA LYS C 55 44.33 -19.74 -0.43
C LYS C 55 44.08 -20.82 0.58
N VAL C 56 44.97 -21.82 0.62
CA VAL C 56 44.89 -22.86 1.63
C VAL C 56 46.25 -22.99 2.27
N MET C 57 46.29 -23.57 3.47
CA MET C 57 47.55 -23.73 4.17
C MET C 57 48.03 -25.18 4.21
N THR C 58 47.20 -26.11 3.77
CA THR C 58 47.56 -27.52 3.67
C THR C 58 46.73 -28.03 2.50
N PRO C 59 47.29 -28.93 1.70
CA PRO C 59 46.55 -29.35 0.51
C PRO C 59 45.24 -30.05 0.85
N PRO C 60 44.17 -29.67 0.15
CA PRO C 60 42.88 -30.33 0.37
C PRO C 60 42.94 -31.74 -0.19
N PRO C 61 41.97 -32.57 0.16
CA PRO C 61 41.90 -33.98 -0.25
C PRO C 61 42.00 -34.21 -1.74
N GLN C 62 41.43 -35.34 -2.13
CA GLN C 62 41.47 -35.84 -3.48
C GLN C 62 40.72 -35.03 -4.54
N GLY C 63 39.44 -35.33 -4.70
CA GLY C 63 38.63 -34.67 -5.70
C GLY C 63 38.10 -33.36 -5.16
N ALA C 64 38.81 -32.80 -4.19
CA ALA C 64 38.40 -31.55 -3.59
C ALA C 64 37.96 -30.52 -4.64
N VAL C 65 36.84 -29.85 -4.37
CA VAL C 65 36.28 -28.88 -5.29
C VAL C 65 35.94 -27.54 -4.65
N ILE C 66 35.74 -26.53 -5.49
CA ILE C 66 35.37 -25.20 -5.02
C ILE C 66 34.06 -24.85 -5.66
N ARG C 67 33.05 -24.64 -4.84
CA ARG C 67 31.74 -24.36 -5.32
C ARG C 67 31.33 -22.96 -4.95
N ALA C 68 30.67 -22.30 -5.88
CA ALA C 68 30.20 -20.95 -5.67
C ALA C 68 28.70 -20.99 -5.83
N MET C 69 28.00 -20.46 -4.83
CA MET C 69 26.54 -20.47 -4.85
C MET C 69 26.00 -19.14 -4.34
N PRO C 70 25.07 -18.56 -5.09
CA PRO C 70 24.52 -17.28 -4.64
C PRO C 70 23.32 -17.58 -3.76
N VAL C 71 22.99 -16.63 -2.89
CA VAL C 71 21.84 -16.82 -2.03
C VAL C 71 21.45 -15.42 -1.54
N TYR C 72 20.15 -15.16 -1.34
CA TYR C 72 19.72 -13.81 -0.91
C TYR C 72 20.24 -13.46 0.47
N LYS C 73 20.54 -12.18 0.66
CA LYS C 73 21.12 -11.74 1.91
C LYS C 73 20.11 -11.64 3.04
N LYS C 74 18.97 -10.98 2.77
CA LYS C 74 17.90 -10.77 3.78
C LYS C 74 17.10 -12.05 4.14
N ALA C 75 16.75 -12.17 5.41
CA ALA C 75 16.00 -13.35 5.84
C ALA C 75 14.72 -13.45 5.02
N GLU C 76 14.06 -12.30 4.87
CA GLU C 76 12.83 -12.22 4.08
C GLU C 76 12.93 -12.99 2.74
N HIS C 77 14.15 -13.16 2.21
CA HIS C 77 14.30 -13.78 0.90
C HIS C 77 15.11 -15.05 0.80
N VAL C 78 15.90 -15.33 1.83
CA VAL C 78 16.78 -16.51 1.81
C VAL C 78 16.25 -17.78 1.16
N THR C 79 14.95 -18.04 1.31
CA THR C 79 14.38 -19.29 0.78
C THR C 79 14.23 -19.35 -0.75
N GLU C 80 14.29 -18.19 -1.42
CA GLU C 80 14.16 -18.15 -2.87
C GLU C 80 15.50 -18.41 -3.58
N VAL C 81 15.53 -19.39 -4.49
CA VAL C 81 16.75 -19.68 -5.25
C VAL C 81 17.12 -18.40 -6.01
N VAL C 82 18.42 -18.18 -6.18
CA VAL C 82 18.88 -17.02 -6.92
C VAL C 82 19.21 -17.48 -8.35
N LYS C 83 18.48 -16.94 -9.32
CA LYS C 83 18.70 -17.28 -10.72
C LYS C 83 18.63 -16.03 -11.58
N ARG C 84 18.90 -16.23 -12.87
CA ARG C 84 18.83 -15.12 -13.80
C ARG C 84 17.38 -14.72 -14.06
N CYS C 85 17.15 -13.44 -14.30
CA CYS C 85 15.82 -12.96 -14.64
C CYS C 85 15.45 -13.56 -16.00
N PRO C 86 14.14 -13.67 -16.26
CA PRO C 86 13.68 -14.26 -17.52
C PRO C 86 14.29 -13.56 -18.74
N ASN C 87 14.40 -12.22 -18.71
CA ASN C 87 14.97 -11.53 -19.85
C ASN C 87 16.31 -12.11 -20.28
N HIS C 88 17.25 -12.11 -19.33
CA HIS C 88 18.58 -12.59 -19.61
C HIS C 88 18.64 -14.07 -19.88
N GLU C 89 17.73 -14.82 -19.24
CA GLU C 89 17.74 -16.26 -19.43
C GLU C 89 17.31 -16.66 -20.84
N LEU C 90 16.50 -15.82 -21.46
CA LEU C 90 16.01 -16.16 -22.78
C LEU C 90 16.77 -15.45 -23.90
N SER C 91 17.35 -14.29 -23.58
CA SER C 91 18.08 -13.50 -24.56
C SER C 91 19.12 -14.35 -25.27
N ARG C 92 19.48 -13.98 -26.50
CA ARG C 92 20.53 -14.72 -27.19
C ARG C 92 21.83 -14.22 -26.57
N GLU C 93 21.87 -12.92 -26.30
CA GLU C 93 23.04 -12.30 -25.70
C GLU C 93 23.61 -13.09 -24.52
N PHE C 94 24.92 -13.40 -24.55
CA PHE C 94 25.54 -14.13 -23.45
C PHE C 94 25.27 -15.63 -23.46
N ASN C 95 24.16 -16.04 -24.06
CA ASN C 95 23.84 -17.46 -24.09
C ASN C 95 24.28 -18.06 -25.41
N GLU C 96 24.82 -17.20 -26.27
CA GLU C 96 25.33 -17.54 -27.60
C GLU C 96 25.71 -19.01 -27.78
N GLY C 97 26.89 -19.39 -27.29
CA GLY C 97 27.34 -20.77 -27.41
C GLY C 97 27.94 -21.19 -26.09
N GLN C 98 27.20 -20.90 -25.02
CA GLN C 98 27.61 -21.19 -23.65
C GLN C 98 27.35 -22.63 -23.17
N ILE C 99 28.28 -23.17 -22.40
CA ILE C 99 28.15 -24.51 -21.83
C ILE C 99 27.34 -24.43 -20.54
N ALA C 100 27.12 -23.20 -20.09
CA ALA C 100 26.42 -22.97 -18.86
C ALA C 100 24.92 -22.80 -19.06
N PRO C 101 24.14 -23.39 -18.15
CA PRO C 101 22.69 -23.22 -18.25
C PRO C 101 22.39 -21.73 -18.28
N PRO C 102 21.53 -21.28 -19.21
CA PRO C 102 21.20 -19.86 -19.32
C PRO C 102 20.53 -19.28 -18.09
N SER C 103 20.06 -20.12 -17.18
CA SER C 103 19.39 -19.59 -15.99
C SER C 103 20.35 -19.27 -14.84
N HIS C 104 21.48 -19.98 -14.80
CA HIS C 104 22.49 -19.82 -13.73
C HIS C 104 23.09 -18.42 -13.63
N LEU C 105 23.02 -17.84 -12.45
CA LEU C 105 23.55 -16.51 -12.24
C LEU C 105 25.07 -16.51 -12.29
N ILE C 106 25.68 -17.47 -11.61
CA ILE C 106 27.13 -17.53 -11.55
C ILE C 106 27.74 -18.48 -12.56
N ARG C 107 28.73 -17.98 -13.28
CA ARG C 107 29.47 -18.79 -14.24
C ARG C 107 30.94 -18.68 -13.93
N VAL C 108 31.71 -19.62 -14.45
CA VAL C 108 33.14 -19.57 -14.32
C VAL C 108 33.72 -19.67 -15.73
N GLU C 109 34.63 -18.75 -16.08
CA GLU C 109 35.25 -18.78 -17.39
C GLU C 109 36.67 -19.28 -17.30
N GLY C 110 37.14 -19.90 -18.37
CA GLY C 110 38.51 -20.37 -18.42
C GLY C 110 38.76 -21.71 -17.79
N ASN C 111 37.70 -22.47 -17.56
CA ASN C 111 37.87 -23.79 -16.97
C ASN C 111 36.91 -24.82 -17.54
N SER C 112 37.43 -25.67 -18.43
CA SER C 112 36.62 -26.71 -19.09
C SER C 112 36.03 -27.74 -18.14
N HIS C 113 36.57 -27.86 -16.93
CA HIS C 113 36.08 -28.84 -15.95
C HIS C 113 34.97 -28.29 -15.09
N ALA C 114 34.68 -27.01 -15.26
CA ALA C 114 33.64 -26.36 -14.51
C ALA C 114 32.37 -27.11 -14.75
N GLN C 115 31.60 -27.36 -13.69
CA GLN C 115 30.34 -28.05 -13.88
C GLN C 115 29.21 -27.41 -13.11
N TYR C 116 28.14 -27.13 -13.83
CA TYR C 116 26.98 -26.49 -13.25
C TYR C 116 26.08 -27.55 -12.65
N VAL C 117 25.41 -27.20 -11.57
CA VAL C 117 24.57 -28.17 -10.92
C VAL C 117 23.36 -27.54 -10.29
N GLU C 118 22.25 -28.26 -10.39
CA GLU C 118 20.97 -27.85 -9.81
C GLU C 118 20.60 -28.94 -8.84
N ASP C 119 20.32 -28.58 -7.59
CA ASP C 119 19.96 -29.57 -6.61
C ASP C 119 18.57 -30.10 -6.94
N PRO C 120 18.47 -31.43 -7.09
CA PRO C 120 17.21 -32.09 -7.45
C PRO C 120 16.09 -31.80 -6.45
N ILE C 121 16.45 -31.58 -5.19
CA ILE C 121 15.45 -31.34 -4.16
C ILE C 121 15.31 -29.85 -3.83
N THR C 122 16.43 -29.19 -3.55
CA THR C 122 16.39 -27.77 -3.19
C THR C 122 16.24 -26.87 -4.42
N GLY C 123 16.62 -27.39 -5.59
CA GLY C 123 16.54 -26.61 -6.82
C GLY C 123 17.57 -25.49 -6.87
N ARG C 124 18.51 -25.51 -5.94
CA ARG C 124 19.53 -24.47 -5.90
C ARG C 124 20.58 -24.71 -6.98
N GLN C 125 21.12 -23.61 -7.50
CA GLN C 125 22.10 -23.69 -8.56
C GLN C 125 23.44 -23.19 -8.08
N SER C 126 24.48 -23.85 -8.53
CA SER C 126 25.80 -23.46 -8.16
C SER C 126 26.73 -23.98 -9.24
N VAL C 127 27.97 -23.53 -9.20
CA VAL C 127 28.95 -23.98 -10.16
C VAL C 127 30.23 -24.42 -9.42
N LEU C 128 30.71 -25.61 -9.72
CA LEU C 128 31.89 -26.10 -9.07
C LEU C 128 33.06 -26.15 -10.02
N VAL C 129 34.25 -26.16 -9.43
CA VAL C 129 35.48 -26.29 -10.17
C VAL C 129 36.38 -27.19 -9.35
N PRO C 130 37.04 -28.15 -10.02
CA PRO C 130 37.95 -28.99 -9.24
C PRO C 130 39.06 -28.12 -8.64
N TYR C 131 39.38 -28.32 -7.37
CA TYR C 131 40.43 -27.53 -6.75
C TYR C 131 41.76 -27.88 -7.34
N GLU C 132 42.58 -26.87 -7.61
CA GLU C 132 43.95 -27.14 -8.05
C GLU C 132 44.89 -26.18 -7.35
N PRO C 133 46.02 -26.68 -6.86
CA PRO C 133 46.99 -25.83 -6.17
C PRO C 133 47.51 -24.74 -7.09
N PRO C 134 48.08 -23.67 -6.51
CA PRO C 134 48.56 -22.54 -7.30
C PRO C 134 49.66 -22.97 -8.25
N GLN C 135 49.95 -22.14 -9.24
CA GLN C 135 51.04 -22.40 -10.13
C GLN C 135 52.31 -22.28 -9.27
N VAL C 136 53.38 -22.92 -9.68
CA VAL C 136 54.66 -22.86 -8.97
C VAL C 136 55.10 -21.43 -8.72
N GLY C 137 55.42 -21.11 -7.47
CA GLY C 137 55.85 -19.76 -7.14
C GLY C 137 54.71 -18.77 -6.95
N THR C 138 53.48 -19.26 -7.06
CA THR C 138 52.28 -18.43 -6.85
C THR C 138 51.69 -18.81 -5.52
N GLU C 139 51.11 -17.86 -4.80
CA GLU C 139 50.53 -18.23 -3.51
C GLU C 139 49.03 -18.46 -3.58
N PHE C 140 48.42 -18.05 -4.68
CA PHE C 140 46.97 -18.19 -4.82
C PHE C 140 46.48 -19.00 -6.00
N THR C 141 45.42 -19.77 -5.75
CA THR C 141 44.75 -20.48 -6.83
C THR C 141 43.72 -19.48 -7.28
N THR C 142 43.67 -19.17 -8.57
CA THR C 142 42.72 -18.18 -9.04
C THR C 142 41.51 -18.78 -9.74
N VAL C 143 40.33 -18.27 -9.41
CA VAL C 143 39.12 -18.71 -10.07
C VAL C 143 38.46 -17.51 -10.71
N LEU C 144 38.09 -17.66 -11.98
CA LEU C 144 37.45 -16.59 -12.73
C LEU C 144 35.93 -16.74 -12.75
N TYR C 145 35.25 -15.83 -12.07
CA TYR C 145 33.80 -15.86 -12.01
C TYR C 145 33.14 -14.77 -12.86
N ASN C 146 32.01 -15.12 -13.46
CA ASN C 146 31.16 -14.19 -14.21
C ASN C 146 29.77 -14.14 -13.59
N PHE C 147 29.23 -12.95 -13.42
CA PHE C 147 27.87 -12.82 -12.87
C PHE C 147 26.91 -12.33 -13.96
N MET C 148 25.93 -13.16 -14.30
CA MET C 148 25.06 -12.90 -15.44
C MET C 148 23.82 -12.00 -15.35
N CYS C 149 23.54 -11.39 -14.20
CA CYS C 149 22.40 -10.47 -14.10
C CYS C 149 22.80 -9.35 -13.20
N ASN C 150 22.30 -8.16 -13.44
CA ASN C 150 22.58 -7.06 -12.54
C ASN C 150 21.71 -7.33 -11.33
N SER C 151 22.09 -6.77 -10.19
CA SER C 151 21.30 -6.97 -8.96
C SER C 151 19.87 -6.48 -9.19
N SER C 152 19.77 -5.30 -9.82
CA SER C 152 18.47 -4.68 -10.09
C SER C 152 17.57 -5.40 -11.14
N CYS C 153 18.07 -6.41 -11.85
CA CYS C 153 17.23 -7.12 -12.84
C CYS C 153 15.82 -7.44 -12.38
N VAL C 154 14.85 -6.75 -12.98
CA VAL C 154 13.45 -6.99 -12.70
C VAL C 154 13.17 -8.42 -13.13
N GLY C 155 12.29 -9.11 -12.42
CA GLY C 155 11.96 -10.47 -12.78
C GLY C 155 12.99 -11.43 -12.24
N GLY C 156 14.07 -10.88 -11.68
CA GLY C 156 15.14 -11.68 -11.09
C GLY C 156 15.46 -11.27 -9.66
N MET C 157 16.68 -10.80 -9.45
CA MET C 157 17.06 -10.40 -8.11
C MET C 157 16.28 -9.18 -7.65
N ASN C 158 15.67 -8.48 -8.59
CA ASN C 158 14.89 -7.29 -8.29
C ASN C 158 15.46 -6.40 -7.16
N ARG C 159 16.74 -6.08 -7.29
CA ARG C 159 17.48 -5.29 -6.29
C ARG C 159 17.57 -5.85 -4.87
N ARG C 160 17.34 -7.15 -4.73
CA ARG C 160 17.53 -7.83 -3.45
C ARG C 160 19.00 -8.27 -3.32
N PRO C 161 19.74 -7.72 -2.32
CA PRO C 161 21.16 -8.07 -2.15
C PRO C 161 21.40 -9.56 -2.08
N ILE C 162 22.56 -9.99 -2.59
CA ILE C 162 22.94 -11.38 -2.45
C ILE C 162 24.29 -11.54 -1.78
N LEU C 163 24.56 -12.79 -1.43
CA LEU C 163 25.81 -13.18 -0.84
C LEU C 163 26.31 -14.30 -1.72
N ILE C 164 27.63 -14.36 -1.87
CA ILE C 164 28.17 -15.46 -2.61
C ILE C 164 28.79 -16.37 -1.57
N ILE C 165 28.54 -17.65 -1.73
CA ILE C 165 29.08 -18.61 -0.80
C ILE C 165 30.00 -19.56 -1.51
N VAL C 166 31.29 -19.27 -1.37
CA VAL C 166 32.31 -20.09 -1.98
C VAL C 166 32.72 -21.11 -0.93
N THR C 167 32.72 -22.37 -1.35
CA THR C 167 32.90 -23.44 -0.41
C THR C 167 33.91 -24.47 -0.92
N LEU C 168 34.79 -24.91 -0.05
CA LEU C 168 35.77 -25.91 -0.41
C LEU C 168 35.16 -27.21 0.03
N GLU C 169 35.04 -28.17 -0.87
CA GLU C 169 34.38 -29.42 -0.54
C GLU C 169 35.14 -30.67 -0.92
N THR C 170 34.76 -31.76 -0.29
CA THR C 170 35.35 -33.04 -0.56
C THR C 170 34.71 -33.52 -1.87
N ARG C 171 35.38 -34.44 -2.56
CA ARG C 171 34.87 -34.99 -3.81
C ARG C 171 33.38 -35.32 -3.72
N ASP C 172 32.94 -35.68 -2.51
CA ASP C 172 31.54 -36.07 -2.26
C ASP C 172 30.74 -35.05 -1.47
N GLY C 173 31.07 -33.78 -1.67
CA GLY C 173 30.29 -32.72 -1.06
C GLY C 173 30.28 -32.51 0.45
N GLN C 174 31.31 -32.98 1.13
CA GLN C 174 31.41 -32.67 2.54
C GLN C 174 32.15 -31.35 2.58
N VAL C 175 31.58 -30.35 3.27
CA VAL C 175 32.20 -29.03 3.31
C VAL C 175 33.45 -29.00 4.19
N LEU C 176 34.56 -28.54 3.62
CA LEU C 176 35.84 -28.46 4.32
C LEU C 176 36.19 -27.05 4.73
N GLY C 177 35.59 -26.07 4.07
CA GLY C 177 35.81 -24.67 4.36
C GLY C 177 34.77 -23.83 3.64
N ARG C 178 34.50 -22.64 4.18
CA ARG C 178 33.53 -21.76 3.57
C ARG C 178 33.84 -20.30 3.81
N ARG C 179 33.75 -19.46 2.79
CA ARG C 179 33.88 -18.00 2.99
C ARG C 179 32.70 -17.32 2.26
N CYS C 180 32.32 -16.14 2.75
CA CYS C 180 31.22 -15.42 2.16
C CYS C 180 31.53 -13.97 1.99
N PHE C 181 30.86 -13.39 1.00
CA PHE C 181 30.95 -11.95 0.76
C PHE C 181 29.67 -11.53 0.03
N GLU C 182 29.29 -10.28 0.23
CA GLU C 182 28.12 -9.79 -0.45
C GLU C 182 28.56 -9.43 -1.86
N ALA C 183 27.64 -9.56 -2.80
CA ALA C 183 27.92 -9.23 -4.18
C ALA C 183 26.85 -8.27 -4.73
N ARG C 184 27.28 -7.10 -5.19
CA ARG C 184 26.39 -6.17 -5.83
C ARG C 184 26.77 -6.01 -7.32
N ILE C 185 26.08 -6.73 -8.20
CA ILE C 185 26.33 -6.63 -9.62
C ILE C 185 25.63 -5.38 -10.15
N CYS C 186 26.40 -4.38 -10.56
CA CYS C 186 25.81 -3.15 -11.07
C CYS C 186 26.51 -2.56 -12.29
N ALA C 187 26.11 -1.36 -12.67
CA ALA C 187 26.68 -0.74 -13.86
C ALA C 187 27.86 0.14 -13.56
N CYS C 188 27.94 0.69 -12.36
CA CYS C 188 29.07 1.54 -12.01
C CYS C 188 29.64 1.13 -10.66
N PRO C 189 30.40 0.04 -10.61
CA PRO C 189 30.92 -0.44 -9.32
C PRO C 189 31.64 0.65 -8.59
N GLY C 190 32.36 1.49 -9.34
CA GLY C 190 33.07 2.60 -8.75
C GLY C 190 32.18 3.55 -7.98
N ARG C 191 31.17 4.09 -8.66
CA ARG C 191 30.23 5.01 -8.06
C ARG C 191 29.55 4.39 -6.85
N ASP C 192 28.90 3.25 -7.09
CA ASP C 192 28.10 2.57 -6.07
C ASP C 192 28.90 2.24 -4.82
N ARG C 193 30.13 1.82 -4.98
CA ARG C 193 30.97 1.54 -3.82
C ARG C 193 31.21 2.80 -3.01
N LYS C 194 31.62 3.88 -3.69
CA LYS C 194 31.86 5.18 -3.04
C LYS C 194 30.60 5.62 -2.33
N ALA C 195 29.44 5.32 -2.93
CA ALA C 195 28.16 5.66 -2.34
C ALA C 195 28.05 4.99 -0.98
N ASP C 196 28.14 3.67 -0.98
CA ASP C 196 28.00 2.90 0.26
C ASP C 196 28.99 3.40 1.29
N GLU C 197 30.16 3.83 0.83
CA GLU C 197 31.19 4.30 1.73
C GLU C 197 30.85 5.65 2.38
N ASP C 198 30.34 6.58 1.59
CA ASP C 198 29.92 7.85 2.17
C ASP C 198 28.73 7.62 3.10
N SER C 199 27.83 6.73 2.68
CA SER C 199 26.62 6.41 3.43
C SER C 199 26.92 6.19 4.90
N ILE C 200 28.07 5.56 5.19
CA ILE C 200 28.45 5.35 6.57
C ILE C 200 29.32 6.51 7.09
N MET D 4 9.35 -7.53 -48.43
CA MET D 4 8.91 -6.15 -48.62
C MET D 4 9.79 -5.21 -47.82
N ALA D 5 9.33 -3.98 -47.70
CA ALA D 5 10.00 -2.96 -46.92
C ALA D 5 9.21 -2.67 -45.65
N SER D 6 9.87 -1.99 -44.72
CA SER D 6 9.25 -1.63 -43.45
C SER D 6 8.06 -0.72 -43.66
N PRO D 7 6.95 -1.00 -42.95
CA PRO D 7 5.69 -0.26 -43.04
C PRO D 7 5.87 1.25 -43.06
N SER D 8 5.14 1.92 -43.95
CA SER D 8 5.26 3.35 -44.12
C SER D 8 4.78 4.13 -42.92
N ASN D 9 5.35 5.31 -42.72
CA ASN D 9 4.97 6.17 -41.60
C ASN D 9 4.57 7.58 -42.01
N THR D 10 4.30 7.78 -43.30
CA THR D 10 3.94 9.10 -43.77
C THR D 10 2.42 9.34 -43.66
N ASP D 11 2.08 10.52 -43.20
CA ASP D 11 0.71 10.89 -43.10
C ASP D 11 0.07 10.83 -44.47
N TYR D 12 -1.12 10.23 -44.53
CA TYR D 12 -1.88 10.08 -45.77
C TYR D 12 -3.40 10.20 -45.49
N PRO D 13 -3.90 11.44 -45.50
CA PRO D 13 -5.30 11.74 -45.21
C PRO D 13 -6.20 10.81 -45.99
N GLY D 14 -5.88 10.63 -47.26
CA GLY D 14 -6.66 9.73 -48.09
C GLY D 14 -7.99 10.32 -48.54
N PRO D 15 -8.75 9.52 -49.30
CA PRO D 15 -10.03 9.91 -49.86
C PRO D 15 -11.06 10.29 -48.78
N HIS D 16 -11.01 9.66 -47.62
CA HIS D 16 -11.95 10.00 -46.57
C HIS D 16 -11.44 11.03 -45.56
N SER D 17 -10.38 11.76 -45.92
CA SER D 17 -9.80 12.76 -45.00
C SER D 17 -9.60 12.25 -43.55
N PHE D 18 -8.98 11.06 -43.46
CA PHE D 18 -8.69 10.39 -42.20
C PHE D 18 -7.71 11.15 -41.34
N ASP D 19 -8.08 11.42 -40.10
CA ASP D 19 -7.23 12.17 -39.18
C ASP D 19 -7.32 11.66 -37.76
N VAL D 20 -6.22 11.75 -37.01
CA VAL D 20 -6.27 11.34 -35.61
C VAL D 20 -5.88 12.51 -34.71
N SER D 21 -6.46 12.55 -33.52
CA SER D 21 -6.21 13.66 -32.59
C SER D 21 -6.49 13.24 -31.16
N PHE D 22 -6.15 14.12 -30.22
CA PHE D 22 -6.34 13.83 -28.80
C PHE D 22 -7.12 14.93 -28.06
N GLN D 23 -8.03 14.54 -27.17
CA GLN D 23 -8.77 15.51 -26.36
C GLN D 23 -7.85 16.19 -25.32
N ALA D 31 -1.49 13.66 -14.99
CA ALA D 31 -2.50 12.89 -15.74
C ALA D 31 -1.99 11.52 -16.15
N THR D 32 -2.94 10.65 -16.52
CA THR D 32 -2.57 9.30 -16.92
C THR D 32 -1.88 9.32 -18.31
N TRP D 33 -1.94 10.46 -19.00
CA TRP D 33 -1.32 10.61 -20.31
C TRP D 33 -1.45 12.04 -20.76
N THR D 34 -0.69 12.42 -21.78
CA THR D 34 -0.72 13.77 -22.30
C THR D 34 -0.13 13.74 -23.71
N TYR D 35 -0.60 14.63 -24.57
CA TYR D 35 -0.12 14.63 -25.94
C TYR D 35 0.39 16.00 -26.36
N SER D 36 1.61 16.02 -26.88
CA SER D 36 2.21 17.27 -27.34
C SER D 36 1.97 17.39 -28.82
N THR D 37 1.27 18.43 -29.23
CA THR D 37 0.96 18.55 -30.65
C THR D 37 2.17 19.03 -31.45
N GLU D 38 3.01 19.85 -30.85
CA GLU D 38 4.16 20.37 -31.59
C GLU D 38 5.21 19.27 -31.84
N LEU D 39 5.24 18.26 -30.98
CA LEU D 39 6.17 17.14 -31.13
C LEU D 39 5.49 15.90 -31.68
N LYS D 40 4.20 16.00 -31.94
CA LYS D 40 3.42 14.86 -32.41
C LYS D 40 3.77 13.62 -31.61
N LYS D 41 3.85 13.77 -30.29
CA LYS D 41 4.29 12.69 -29.42
C LYS D 41 3.35 12.42 -28.24
N LEU D 42 3.02 11.16 -28.00
CA LEU D 42 2.11 10.77 -26.93
C LEU D 42 2.89 10.28 -25.73
N TYR D 43 2.68 10.90 -24.59
CA TYR D 43 3.32 10.45 -23.35
C TYR D 43 2.27 9.73 -22.52
N CYS D 44 2.50 8.48 -22.14
CA CYS D 44 1.48 7.80 -21.35
C CYS D 44 1.95 6.63 -20.49
N GLN D 45 1.26 6.40 -19.37
CA GLN D 45 1.60 5.31 -18.47
C GLN D 45 1.19 3.94 -18.98
N ILE D 46 1.90 2.90 -18.54
CA ILE D 46 1.66 1.56 -19.03
C ILE D 46 0.31 0.97 -18.61
N ALA D 47 -0.33 0.25 -19.54
CA ALA D 47 -1.62 -0.41 -19.29
C ALA D 47 -2.77 0.58 -19.06
N LYS D 48 -2.48 1.78 -18.58
CA LYS D 48 -3.50 2.82 -18.43
C LYS D 48 -4.20 3.03 -19.78
N THR D 49 -5.46 3.43 -19.75
CA THR D 49 -6.26 3.53 -20.97
C THR D 49 -5.98 4.84 -21.71
N CYS D 50 -5.89 4.74 -23.03
CA CYS D 50 -5.55 5.89 -23.85
C CYS D 50 -6.56 6.13 -24.97
N PRO D 51 -7.33 7.22 -24.83
CA PRO D 51 -8.39 7.54 -25.80
C PRO D 51 -7.85 8.25 -27.01
N ILE D 52 -8.16 7.75 -28.21
CA ILE D 52 -7.70 8.40 -29.42
C ILE D 52 -8.86 8.74 -30.32
N GLN D 53 -8.85 9.95 -30.86
CA GLN D 53 -9.96 10.43 -31.69
C GLN D 53 -9.74 10.36 -33.18
N ILE D 54 -10.59 9.58 -33.83
CA ILE D 54 -10.59 9.42 -35.28
C ILE D 54 -11.62 10.33 -35.91
N LYS D 55 -11.28 10.90 -37.06
CA LYS D 55 -12.18 11.76 -37.78
C LYS D 55 -12.12 11.49 -39.28
N VAL D 56 -13.28 11.37 -39.92
CA VAL D 56 -13.31 11.23 -41.37
C VAL D 56 -14.26 12.28 -41.92
N MET D 57 -14.15 12.55 -43.22
CA MET D 57 -15.03 13.55 -43.81
C MET D 57 -16.07 12.92 -44.76
N THR D 58 -15.91 11.64 -45.03
CA THR D 58 -16.85 10.89 -45.86
C THR D 58 -16.78 9.48 -45.31
N PRO D 59 -17.89 8.76 -45.33
CA PRO D 59 -17.87 7.45 -44.71
C PRO D 59 -16.98 6.49 -45.44
N PRO D 60 -16.15 5.77 -44.69
CA PRO D 60 -15.29 4.75 -45.30
C PRO D 60 -16.16 3.61 -45.82
N PRO D 61 -15.57 2.72 -46.63
CA PRO D 61 -16.28 1.60 -47.23
C PRO D 61 -16.96 0.68 -46.24
N GLN D 62 -17.07 -0.56 -46.67
CA GLN D 62 -17.79 -1.61 -45.97
C GLN D 62 -17.20 -2.10 -44.66
N GLY D 63 -16.36 -3.11 -44.77
CA GLY D 63 -15.73 -3.68 -43.59
C GLY D 63 -14.54 -2.86 -43.15
N ALA D 64 -14.57 -1.56 -43.48
CA ALA D 64 -13.48 -0.65 -43.13
C ALA D 64 -13.05 -0.84 -41.68
N VAL D 65 -11.73 -0.92 -41.48
CA VAL D 65 -11.14 -1.13 -40.16
C VAL D 65 -10.06 -0.10 -39.80
N ILE D 66 -9.76 -0.02 -38.52
CA ILE D 66 -8.74 0.87 -38.01
C ILE D 66 -7.67 0.03 -37.34
N ARG D 67 -6.50 -0.02 -37.95
CA ARG D 67 -5.39 -0.81 -37.39
C ARG D 67 -4.33 0.05 -36.74
N ALA D 68 -3.87 -0.40 -35.58
CA ALA D 68 -2.80 0.27 -34.87
C ALA D 68 -1.60 -0.67 -34.83
N MET D 69 -0.45 -0.18 -35.29
CA MET D 69 0.78 -0.98 -35.31
C MET D 69 1.96 -0.17 -34.83
N PRO D 70 2.73 -0.72 -33.89
CA PRO D 70 3.90 0.00 -33.40
C PRO D 70 5.11 -0.35 -34.24
N VAL D 71 6.03 0.58 -34.39
CA VAL D 71 7.23 0.31 -35.16
C VAL D 71 8.34 1.21 -34.60
N TYR D 72 9.61 0.75 -34.62
CA TYR D 72 10.66 1.59 -34.06
C TYR D 72 10.86 2.87 -34.88
N LYS D 73 11.17 3.96 -34.20
CA LYS D 73 11.32 5.25 -34.86
C LYS D 73 12.62 5.39 -35.66
N LYS D 74 13.75 5.03 -35.05
CA LYS D 74 15.08 5.13 -35.69
C LYS D 74 15.35 4.08 -36.79
N ALA D 75 16.01 4.48 -37.85
CA ALA D 75 16.30 3.54 -38.93
C ALA D 75 17.06 2.34 -38.39
N GLU D 76 17.99 2.61 -37.50
CA GLU D 76 18.78 1.55 -36.89
C GLU D 76 17.95 0.38 -36.37
N HIS D 77 16.66 0.62 -36.12
CA HIS D 77 15.81 -0.39 -35.51
C HIS D 77 14.52 -0.78 -36.23
N VAL D 78 14.13 0.00 -37.24
CA VAL D 78 12.87 -0.23 -37.94
C VAL D 78 12.57 -1.69 -38.27
N THR D 79 13.58 -2.46 -38.62
CA THR D 79 13.35 -3.84 -39.01
C THR D 79 12.93 -4.76 -37.88
N GLU D 80 13.13 -4.36 -36.63
CA GLU D 80 12.76 -5.22 -35.53
C GLU D 80 11.27 -5.05 -35.12
N VAL D 81 10.53 -6.16 -35.07
CA VAL D 81 9.14 -6.07 -34.63
C VAL D 81 9.11 -5.50 -33.21
N VAL D 82 8.09 -4.73 -32.91
CA VAL D 82 7.97 -4.18 -31.58
C VAL D 82 7.01 -5.08 -30.80
N LYS D 83 7.50 -5.68 -29.73
CA LYS D 83 6.68 -6.55 -28.89
C LYS D 83 6.98 -6.26 -27.45
N ARG D 84 6.27 -6.98 -26.58
CA ARG D 84 6.43 -6.81 -25.15
C ARG D 84 7.69 -7.51 -24.73
N CYS D 85 8.33 -6.98 -23.68
CA CYS D 85 9.53 -7.61 -23.17
C CYS D 85 9.14 -8.94 -22.55
N PRO D 86 10.07 -9.87 -22.48
CA PRO D 86 9.78 -11.17 -21.87
C PRO D 86 9.17 -11.04 -20.46
N ASN D 87 9.64 -10.12 -19.63
CA ASN D 87 9.08 -10.00 -18.29
C ASN D 87 7.57 -9.89 -18.33
N HIS D 88 7.09 -8.85 -19.00
CA HIS D 88 5.68 -8.58 -19.06
C HIS D 88 4.91 -9.65 -19.83
N GLU D 89 5.53 -10.21 -20.85
CA GLU D 89 4.86 -11.22 -21.64
C GLU D 89 4.57 -12.48 -20.84
N LEU D 90 5.39 -12.76 -19.83
CA LEU D 90 5.21 -13.97 -19.04
C LEU D 90 4.50 -13.73 -17.71
N SER D 91 4.59 -12.51 -17.21
CA SER D 91 3.99 -12.16 -15.93
C SER D 91 2.51 -12.51 -15.94
N ARG D 92 1.96 -12.76 -14.76
CA ARG D 92 0.54 -13.02 -14.67
C ARG D 92 -0.11 -11.64 -14.80
N GLU D 93 0.49 -10.66 -14.14
CA GLU D 93 -0.02 -9.28 -14.16
C GLU D 93 -0.42 -8.82 -15.58
N PHE D 94 -1.61 -8.22 -15.70
CA PHE D 94 -2.17 -7.75 -16.96
C PHE D 94 -2.44 -8.86 -17.97
N ASN D 95 -2.14 -10.09 -17.63
CA ASN D 95 -2.35 -11.20 -18.58
C ASN D 95 -3.41 -12.21 -18.20
N GLU D 96 -4.06 -12.02 -17.05
CA GLU D 96 -5.03 -13.00 -16.55
C GLU D 96 -6.12 -13.35 -17.56
N GLY D 97 -7.24 -12.65 -17.48
CA GLY D 97 -8.29 -12.87 -18.43
C GLY D 97 -8.09 -11.85 -19.53
N GLN D 98 -7.40 -12.25 -20.60
CA GLN D 98 -7.16 -11.34 -21.72
C GLN D 98 -7.29 -12.03 -23.06
N ILE D 99 -7.94 -11.38 -24.01
CA ILE D 99 -8.13 -11.95 -25.34
C ILE D 99 -6.91 -11.58 -26.22
N ALA D 100 -6.15 -10.58 -25.77
CA ALA D 100 -4.94 -10.17 -26.46
C ALA D 100 -3.78 -11.15 -26.17
N PRO D 101 -3.00 -11.52 -27.20
CA PRO D 101 -1.85 -12.37 -26.93
C PRO D 101 -0.93 -11.54 -26.04
N PRO D 102 -0.37 -12.16 -25.00
CA PRO D 102 0.46 -11.51 -23.98
C PRO D 102 1.70 -10.81 -24.56
N SER D 103 2.08 -11.14 -25.79
CA SER D 103 3.23 -10.49 -26.40
C SER D 103 2.94 -9.13 -27.03
N HIS D 104 1.71 -8.93 -27.52
CA HIS D 104 1.32 -7.68 -28.19
C HIS D 104 1.45 -6.42 -27.36
N LEU D 105 2.17 -5.45 -27.90
CA LEU D 105 2.38 -4.23 -27.16
C LEU D 105 1.13 -3.41 -27.08
N ILE D 106 0.44 -3.30 -28.20
CA ILE D 106 -0.78 -2.49 -28.26
C ILE D 106 -2.03 -3.33 -28.09
N ARG D 107 -2.89 -2.87 -27.18
CA ARG D 107 -4.19 -3.49 -26.95
C ARG D 107 -5.25 -2.43 -27.08
N VAL D 108 -6.48 -2.87 -27.30
CA VAL D 108 -7.64 -1.98 -27.33
C VAL D 108 -8.65 -2.49 -26.30
N GLU D 109 -9.09 -1.61 -25.41
CA GLU D 109 -10.08 -2.00 -24.42
C GLU D 109 -11.47 -1.46 -24.77
N GLY D 110 -12.49 -2.21 -24.37
CA GLY D 110 -13.87 -1.81 -24.60
C GLY D 110 -14.43 -2.13 -25.98
N ASN D 111 -13.82 -3.09 -26.67
CA ASN D 111 -14.32 -3.48 -27.96
C ASN D 111 -14.14 -4.95 -28.22
N SER D 112 -15.22 -5.71 -28.08
CA SER D 112 -15.20 -7.16 -28.27
C SER D 112 -14.83 -7.61 -29.69
N HIS D 113 -14.93 -6.70 -30.66
CA HIS D 113 -14.64 -7.06 -32.04
C HIS D 113 -13.18 -6.86 -32.39
N ALA D 114 -12.44 -6.27 -31.46
CA ALA D 114 -11.01 -6.04 -31.61
C ALA D 114 -10.36 -7.36 -31.95
N GLN D 115 -9.51 -7.36 -32.97
CA GLN D 115 -8.81 -8.59 -33.28
C GLN D 115 -7.30 -8.37 -33.46
N TYR D 116 -6.54 -9.20 -32.76
CA TYR D 116 -5.11 -9.12 -32.79
C TYR D 116 -4.61 -9.95 -33.96
N VAL D 117 -3.54 -9.49 -34.58
CA VAL D 117 -3.01 -10.21 -35.72
C VAL D 117 -1.48 -10.14 -35.79
N GLU D 118 -0.90 -11.25 -36.22
CA GLU D 118 0.52 -11.37 -36.42
C GLU D 118 0.69 -11.75 -37.86
N ASP D 119 1.47 -10.98 -38.59
CA ASP D 119 1.70 -11.29 -39.99
C ASP D 119 2.51 -12.57 -40.11
N PRO D 120 2.00 -13.52 -40.88
CA PRO D 120 2.65 -14.82 -41.04
C PRO D 120 4.03 -14.70 -41.63
N ILE D 121 4.25 -13.67 -42.43
CA ILE D 121 5.54 -13.49 -43.08
C ILE D 121 6.43 -12.46 -42.36
N THR D 122 5.90 -11.27 -42.13
CA THR D 122 6.69 -10.23 -41.48
C THR D 122 6.78 -10.43 -39.97
N GLY D 123 5.87 -11.19 -39.39
CA GLY D 123 5.86 -11.39 -37.95
C GLY D 123 5.42 -10.16 -37.18
N ARG D 124 4.95 -9.14 -37.88
CA ARG D 124 4.53 -7.93 -37.20
C ARG D 124 3.17 -8.08 -36.51
N GLN D 125 3.02 -7.39 -35.39
CA GLN D 125 1.82 -7.49 -34.62
C GLN D 125 1.09 -6.18 -34.61
N SER D 126 -0.24 -6.26 -34.71
CA SER D 126 -1.07 -5.08 -34.69
C SER D 126 -2.42 -5.49 -34.19
N VAL D 127 -3.24 -4.50 -33.90
CA VAL D 127 -4.60 -4.77 -33.45
C VAL D 127 -5.61 -3.93 -34.26
N LEU D 128 -6.61 -4.60 -34.83
CA LEU D 128 -7.63 -3.89 -35.61
C LEU D 128 -8.93 -3.80 -34.89
N VAL D 129 -9.70 -2.82 -35.29
CA VAL D 129 -11.04 -2.60 -34.77
C VAL D 129 -11.89 -2.22 -35.98
N PRO D 130 -13.08 -2.83 -36.11
CA PRO D 130 -13.94 -2.42 -37.23
C PRO D 130 -14.29 -0.94 -37.09
N TYR D 131 -14.20 -0.20 -38.18
CA TYR D 131 -14.51 1.22 -38.11
C TYR D 131 -16.00 1.39 -37.88
N GLU D 132 -16.35 2.35 -37.04
CA GLU D 132 -17.74 2.68 -36.81
C GLU D 132 -17.86 4.20 -36.69
N PRO D 133 -18.88 4.79 -37.35
CA PRO D 133 -19.06 6.25 -37.32
C PRO D 133 -19.31 6.72 -35.90
N PRO D 134 -19.12 8.01 -35.64
CA PRO D 134 -19.29 8.54 -34.29
C PRO D 134 -20.71 8.35 -33.80
N GLN D 135 -20.95 8.54 -32.50
CA GLN D 135 -22.30 8.47 -31.96
C GLN D 135 -23.00 9.71 -32.49
N VAL D 136 -24.32 9.64 -32.63
CA VAL D 136 -25.12 10.78 -33.12
C VAL D 136 -24.79 12.07 -32.36
N GLY D 137 -24.46 13.12 -33.11
CA GLY D 137 -24.13 14.38 -32.46
C GLY D 137 -22.70 14.47 -31.97
N THR D 138 -21.92 13.43 -32.23
CA THR D 138 -20.51 13.40 -31.88
C THR D 138 -19.75 13.58 -33.17
N GLU D 139 -18.61 14.29 -33.13
CA GLU D 139 -17.84 14.43 -34.37
C GLU D 139 -16.70 13.42 -34.49
N PHE D 140 -16.40 12.69 -33.40
CA PHE D 140 -15.29 11.74 -33.40
C PHE D 140 -15.63 10.31 -33.05
N THR D 141 -15.02 9.38 -33.77
CA THR D 141 -15.11 7.98 -33.41
C THR D 141 -13.95 7.78 -32.43
N THR D 142 -14.23 7.25 -31.26
CA THR D 142 -13.17 7.09 -30.27
C THR D 142 -12.68 5.64 -30.14
N VAL D 143 -11.36 5.49 -30.11
CA VAL D 143 -10.77 4.18 -29.91
C VAL D 143 -9.92 4.22 -28.65
N LEU D 144 -10.11 3.20 -27.81
CA LEU D 144 -9.40 3.12 -26.54
C LEU D 144 -8.23 2.18 -26.63
N TYR D 145 -7.02 2.76 -26.56
CA TYR D 145 -5.80 1.96 -26.67
C TYR D 145 -5.08 1.82 -25.34
N ASN D 146 -4.49 0.64 -25.15
CA ASN D 146 -3.66 0.34 -23.99
C ASN D 146 -2.27 -0.08 -24.48
N PHE D 147 -1.20 0.47 -23.86
CA PHE D 147 0.19 0.11 -24.19
C PHE D 147 0.81 -0.69 -23.04
N MET D 148 1.20 -1.93 -23.34
CA MET D 148 1.61 -2.88 -22.29
C MET D 148 3.08 -3.01 -21.81
N CYS D 149 3.98 -2.14 -22.28
CA CYS D 149 5.36 -2.15 -21.78
C CYS D 149 5.75 -0.71 -21.74
N ASN D 150 6.65 -0.38 -20.82
CA ASN D 150 7.19 0.97 -20.78
C ASN D 150 8.19 1.03 -21.90
N SER D 151 8.51 2.23 -22.39
CA SER D 151 9.50 2.34 -23.46
C SER D 151 10.82 1.75 -23.01
N SER D 152 11.17 2.01 -21.77
CA SER D 152 12.43 1.55 -21.20
C SER D 152 12.54 0.05 -20.93
N CYS D 153 11.45 -0.70 -21.09
CA CYS D 153 11.54 -2.13 -20.77
C CYS D 153 12.75 -2.85 -21.36
N VAL D 154 13.61 -3.31 -20.46
CA VAL D 154 14.78 -4.09 -20.84
C VAL D 154 14.24 -5.37 -21.41
N GLY D 155 14.87 -5.89 -22.45
CA GLY D 155 14.42 -7.14 -23.02
C GLY D 155 13.39 -6.86 -24.08
N GLY D 156 12.89 -5.62 -24.10
CA GLY D 156 11.91 -5.23 -25.09
C GLY D 156 12.31 -3.99 -25.86
N MET D 157 11.55 -2.92 -25.68
CA MET D 157 11.85 -1.71 -26.41
C MET D 157 13.20 -1.11 -26.00
N ASN D 158 13.67 -1.47 -24.81
CA ASN D 158 14.97 -1.02 -24.33
C ASN D 158 15.23 0.45 -24.61
N ARG D 159 14.26 1.29 -24.29
CA ARG D 159 14.28 2.75 -24.50
C ARG D 159 14.44 3.23 -25.92
N ARG D 160 14.17 2.36 -26.88
CA ARG D 160 14.21 2.76 -28.27
C ARG D 160 12.84 3.36 -28.61
N PRO D 161 12.79 4.63 -29.02
CA PRO D 161 11.52 5.30 -29.35
C PRO D 161 10.68 4.56 -30.38
N ILE D 162 9.36 4.64 -30.24
CA ILE D 162 8.51 4.05 -31.25
C ILE D 162 7.51 5.05 -31.80
N LEU D 163 6.94 4.66 -32.92
CA LEU D 163 5.92 5.41 -33.59
C LEU D 163 4.70 4.54 -33.62
N ILE D 164 3.52 5.13 -33.51
CA ILE D 164 2.31 4.34 -33.65
C ILE D 164 1.73 4.65 -35.01
N ILE D 165 1.38 3.62 -35.74
CA ILE D 165 0.84 3.84 -37.06
C ILE D 165 -0.59 3.34 -37.12
N VAL D 166 -1.50 4.31 -37.01
CA VAL D 166 -2.90 4.03 -37.06
C VAL D 166 -3.34 4.19 -38.50
N THR D 167 -3.90 3.13 -39.03
CA THR D 167 -4.25 3.09 -40.43
C THR D 167 -5.72 2.71 -40.69
N LEU D 168 -6.37 3.47 -41.57
CA LEU D 168 -7.75 3.17 -41.97
C LEU D 168 -7.65 2.26 -43.17
N GLU D 169 -8.28 1.10 -43.10
CA GLU D 169 -8.14 0.14 -44.18
C GLU D 169 -9.45 -0.45 -44.70
N THR D 170 -9.38 -0.98 -45.91
CA THR D 170 -10.50 -1.63 -46.51
C THR D 170 -10.64 -2.99 -45.83
N ARG D 171 -11.81 -3.59 -45.92
CA ARG D 171 -12.06 -4.90 -45.33
C ARG D 171 -10.93 -5.87 -45.66
N ASP D 172 -10.30 -5.69 -46.81
CA ASP D 172 -9.22 -6.57 -47.27
C ASP D 172 -7.83 -5.94 -47.21
N GLY D 173 -7.62 -5.06 -46.23
CA GLY D 173 -6.32 -4.47 -46.00
C GLY D 173 -5.71 -3.51 -47.02
N GLN D 174 -6.53 -2.87 -47.83
CA GLN D 174 -5.96 -1.86 -48.71
C GLN D 174 -6.00 -0.61 -47.85
N VAL D 175 -4.88 0.08 -47.74
CA VAL D 175 -4.83 1.27 -46.89
C VAL D 175 -5.53 2.45 -47.54
N LEU D 176 -6.42 3.08 -46.78
CA LEU D 176 -7.22 4.21 -47.26
C LEU D 176 -6.77 5.51 -46.63
N GLY D 177 -6.11 5.41 -45.48
CA GLY D 177 -5.61 6.59 -44.79
C GLY D 177 -4.62 6.15 -43.73
N ARG D 178 -3.73 7.05 -43.34
CA ARG D 178 -2.72 6.74 -42.34
C ARG D 178 -2.27 7.98 -41.57
N ARG D 179 -2.21 7.87 -40.25
CA ARG D 179 -1.63 8.96 -39.45
C ARG D 179 -0.61 8.36 -38.46
N CYS D 180 0.39 9.15 -38.08
CA CYS D 180 1.42 8.67 -37.20
C CYS D 180 1.74 9.64 -36.12
N PHE D 181 2.20 9.10 -35.00
CA PHE D 181 2.66 9.90 -33.87
C PHE D 181 3.63 9.06 -33.04
N GLU D 182 4.58 9.73 -32.42
CA GLU D 182 5.55 9.03 -31.61
C GLU D 182 4.86 8.74 -30.29
N ALA D 183 5.21 7.61 -29.69
CA ALA D 183 4.65 7.25 -28.40
C ALA D 183 5.78 6.95 -27.43
N ARG D 184 5.74 7.61 -26.27
CA ARG D 184 6.66 7.34 -25.20
C ARG D 184 5.90 6.84 -24.00
N ILE D 185 5.90 5.53 -23.79
CA ILE D 185 5.24 4.97 -22.63
C ILE D 185 6.20 5.02 -21.44
N CYS D 186 5.87 5.84 -20.45
CA CYS D 186 6.72 5.98 -19.27
C CYS D 186 5.95 6.06 -17.95
N ALA D 187 6.67 6.41 -16.89
CA ALA D 187 6.06 6.46 -15.57
C ALA D 187 5.53 7.84 -15.20
N CYS D 188 6.11 8.89 -15.76
CA CYS D 188 5.63 10.24 -15.45
C CYS D 188 5.49 11.03 -16.74
N PRO D 189 4.37 10.80 -17.46
CA PRO D 189 4.20 11.49 -18.74
C PRO D 189 4.38 12.99 -18.57
N GLY D 190 3.88 13.49 -17.44
CA GLY D 190 3.97 14.91 -17.16
C GLY D 190 5.40 15.40 -17.17
N ARG D 191 6.20 14.79 -16.29
CA ARG D 191 7.60 15.18 -16.17
C ARG D 191 8.35 15.11 -17.48
N ASP D 192 8.31 13.92 -18.07
CA ASP D 192 9.02 13.65 -19.30
C ASP D 192 8.61 14.58 -20.43
N ARG D 193 7.33 14.89 -20.54
CA ARG D 193 6.93 15.80 -21.60
C ARG D 193 7.56 17.17 -21.37
N LYS D 194 7.49 17.65 -20.14
CA LYS D 194 8.05 18.95 -19.80
C LYS D 194 9.54 18.96 -20.08
N ALA D 195 10.18 17.82 -19.84
CA ALA D 195 11.59 17.65 -20.11
C ALA D 195 11.89 17.91 -21.58
N ASP D 196 11.29 17.12 -22.46
CA ASP D 196 11.48 17.29 -23.90
C ASP D 196 11.18 18.71 -24.34
N GLU D 197 10.20 19.34 -23.69
CA GLU D 197 9.83 20.70 -24.05
C GLU D 197 10.93 21.71 -23.69
N ASP D 198 11.50 21.57 -22.50
CA ASP D 198 12.58 22.46 -22.10
C ASP D 198 13.80 22.16 -22.96
N SER D 199 14.01 20.88 -23.25
CA SER D 199 15.14 20.45 -24.05
C SER D 199 15.30 21.31 -25.31
N ILE D 200 14.18 21.68 -25.92
CA ILE D 200 14.25 22.52 -27.11
C ILE D 200 14.23 24.00 -26.71
#